data_8XDB
#
_entry.id   8XDB
#
loop_
_entity.id
_entity.type
_entity.pdbx_description
1 polymer 'Urea transporter 2'
2 non-polymer (5E)-2-azanylidene-5-[(2,3-dimethoxyphenyl)methylidene]-1,3-thiazolidin-4-one
#
_entity_poly.entity_id   1
_entity_poly.type   'polypeptide(L)'
_entity_poly.pdbx_seq_one_letter_code
;MEESSEIKVETNISKTSWIRSSMAASGKRVSKALSYITGEMKECGEGLKDKSPVFQFFDWVLRGTSQVMFVNNPLSGILI
ILGLFIQNPWWAISGCLGTIMSTLTALILSQDKSAIAAGFHGYNGVLVGLLMAVFSDKGDYYWWLLLPVIIMSMSCPILS
SALGTIFSKWDLPVFTLPFNITVTLYLAATGHYNLFFPTTLLQPASAMPNITWSEVQVPLLLRAIPVGIGQVYGCDNPWT
GGIFLIALFISSPLICLHAAIGSTMGMLAALTIATPFDSIYFGLCGFNSTLACIAIGGMFYVITWQTHLLAIACALFAAY
LGAALANMLSVFGLPPCTWPFCLSALTFLLLTTNNPAIYKLPLSKVTYPEANRIYYLSQERNRRASIITKYQAYDVS
;
_entity_poly.pdbx_strand_id   A,B,C
#
loop_
_chem_comp.id
_chem_comp.type
_chem_comp.name
_chem_comp.formula
A1LYJ non-polymer (5E)-2-azanylidene-5-[(2,3-dimethoxyphenyl)methylidene]-1,3-thiazolidin-4-one 'C12 H12 N2 O3 S'
#
# COMPACT_ATOMS: atom_id res chain seq x y z
N LYS A 51 10.26 -37.58 26.08
CA LYS A 51 10.30 -36.13 26.15
C LYS A 51 8.95 -35.57 26.57
N SER A 52 8.96 -34.80 27.66
CA SER A 52 7.73 -34.17 28.13
C SER A 52 7.27 -33.14 27.11
N PRO A 53 5.98 -33.11 26.77
CA PRO A 53 5.50 -32.14 25.77
C PRO A 53 5.78 -30.69 26.15
N VAL A 54 5.75 -30.35 27.44
CA VAL A 54 6.08 -28.98 27.83
C VAL A 54 7.52 -28.65 27.45
N PHE A 55 8.42 -29.62 27.59
CA PHE A 55 9.80 -29.41 27.17
C PHE A 55 9.87 -29.18 25.68
N GLN A 56 9.08 -29.94 24.91
CA GLN A 56 9.04 -29.73 23.47
C GLN A 56 8.55 -28.33 23.13
N PHE A 57 7.53 -27.87 23.83
CA PHE A 57 7.00 -26.55 23.55
C PHE A 57 8.01 -25.46 23.87
N PHE A 58 8.76 -25.63 24.96
CA PHE A 58 9.77 -24.62 25.28
C PHE A 58 10.94 -24.69 24.30
N ASP A 59 11.23 -25.87 23.76
CA ASP A 59 12.20 -25.92 22.67
C ASP A 59 11.68 -25.13 21.48
N TRP A 60 10.38 -25.23 21.19
CA TRP A 60 9.79 -24.47 20.10
C TRP A 60 9.93 -22.97 20.34
N VAL A 61 9.64 -22.52 21.56
CA VAL A 61 9.70 -21.08 21.83
C VAL A 61 11.14 -20.59 21.77
N LEU A 62 12.10 -21.40 22.19
CA LEU A 62 13.50 -20.99 22.05
C LEU A 62 13.93 -20.93 20.59
N ARG A 63 13.45 -21.85 19.76
CA ARG A 63 13.76 -21.74 18.34
C ARG A 63 13.14 -20.47 17.76
N GLY A 64 11.92 -20.15 18.18
CA GLY A 64 11.27 -18.95 17.71
C GLY A 64 11.98 -17.68 18.11
N THR A 65 12.52 -17.63 19.32
CA THR A 65 13.16 -16.39 19.75
C THR A 65 14.47 -16.13 19.05
N SER A 66 15.00 -17.08 18.30
CA SER A 66 16.21 -16.87 17.51
C SER A 66 15.93 -16.87 16.02
N GLN A 67 14.75 -17.31 15.59
CA GLN A 67 14.48 -17.29 14.16
C GLN A 67 14.39 -15.88 13.59
N VAL A 68 14.37 -14.85 14.44
CA VAL A 68 14.41 -13.47 13.94
C VAL A 68 15.66 -13.27 13.10
N MET A 69 16.79 -13.80 13.54
CA MET A 69 18.04 -13.77 12.81
C MET A 69 18.17 -14.87 11.78
N PHE A 70 17.04 -15.41 11.32
CA PHE A 70 17.02 -16.49 10.34
C PHE A 70 17.79 -17.71 10.81
N VAL A 71 18.08 -17.81 12.10
CA VAL A 71 18.87 -18.90 12.64
C VAL A 71 17.95 -19.79 13.48
N ASN A 72 18.00 -21.09 13.20
CA ASN A 72 17.15 -22.09 13.83
C ASN A 72 18.05 -22.96 14.71
N ASN A 73 18.27 -22.50 15.94
CA ASN A 73 19.14 -23.24 16.85
C ASN A 73 18.83 -22.88 18.30
N PRO A 74 18.31 -23.81 19.09
CA PRO A 74 17.86 -23.46 20.45
C PRO A 74 18.96 -22.88 21.32
N LEU A 75 20.21 -23.27 21.11
CA LEU A 75 21.30 -22.65 21.87
C LEU A 75 21.42 -21.16 21.54
N SER A 76 21.32 -20.82 20.26
CA SER A 76 21.30 -19.40 19.91
C SER A 76 20.07 -18.72 20.50
N GLY A 77 18.96 -19.44 20.58
CA GLY A 77 17.79 -18.87 21.23
C GLY A 77 18.04 -18.54 22.69
N ILE A 78 18.67 -19.46 23.42
CA ILE A 78 18.90 -19.20 24.84
C ILE A 78 19.92 -18.08 25.00
N LEU A 79 20.91 -18.01 24.12
CA LEU A 79 21.86 -16.90 24.18
C LEU A 79 21.15 -15.57 23.93
N ILE A 80 20.23 -15.54 22.97
CA ILE A 80 19.52 -14.30 22.68
C ILE A 80 18.61 -13.92 23.83
N ILE A 81 17.97 -14.90 24.47
CA ILE A 81 17.17 -14.62 25.65
C ILE A 81 18.05 -14.04 26.75
N LEU A 82 19.23 -14.60 26.94
CA LEU A 82 20.17 -14.06 27.92
C LEU A 82 20.53 -12.62 27.59
N GLY A 83 20.79 -12.34 26.32
CA GLY A 83 21.10 -10.97 25.94
C GLY A 83 19.96 -10.02 26.22
N LEU A 84 18.74 -10.45 25.91
CA LEU A 84 17.58 -9.63 26.21
C LEU A 84 17.50 -9.32 27.68
N PHE A 85 17.71 -10.34 28.53
CA PHE A 85 17.67 -10.11 29.97
C PHE A 85 18.81 -9.21 30.43
N ILE A 86 19.96 -9.26 29.74
CA ILE A 86 21.04 -8.35 30.07
C ILE A 86 20.64 -6.91 29.76
N GLN A 87 20.00 -6.68 28.62
CA GLN A 87 19.59 -5.34 28.25
C GLN A 87 18.61 -4.76 29.26
N ASN A 88 17.41 -5.32 29.33
CA ASN A 88 16.43 -4.85 30.28
C ASN A 88 15.45 -5.99 30.57
N PRO A 89 15.39 -6.48 31.81
CA PRO A 89 14.56 -7.65 32.09
C PRO A 89 13.10 -7.45 31.74
N TRP A 90 12.59 -6.23 31.83
CA TRP A 90 11.20 -5.97 31.47
C TRP A 90 10.95 -6.30 30.02
N TRP A 91 11.83 -5.84 29.13
CA TRP A 91 11.66 -6.14 27.72
C TRP A 91 11.78 -7.63 27.46
N ALA A 92 12.69 -8.31 28.17
CA ALA A 92 12.82 -9.74 27.98
C ALA A 92 11.56 -10.47 28.39
N ILE A 93 10.96 -10.08 29.50
CA ILE A 93 9.71 -10.70 29.94
C ILE A 93 8.62 -10.47 28.90
N SER A 94 8.52 -9.22 28.41
CA SER A 94 7.51 -8.91 27.42
C SER A 94 7.70 -9.72 26.15
N GLY A 95 8.95 -9.84 25.70
CA GLY A 95 9.21 -10.60 24.49
C GLY A 95 8.93 -12.08 24.66
N CYS A 96 9.30 -12.65 25.80
CA CYS A 96 9.00 -14.06 26.04
C CYS A 96 7.50 -14.29 26.09
N LEU A 97 6.75 -13.37 26.71
CA LEU A 97 5.30 -13.50 26.70
C LEU A 97 4.76 -13.43 25.28
N GLY A 98 5.29 -12.50 24.49
CA GLY A 98 4.84 -12.37 23.12
C GLY A 98 5.07 -13.64 22.33
N THR A 99 6.26 -14.22 22.45
CA THR A 99 6.56 -15.45 21.71
C THR A 99 5.69 -16.60 22.19
N ILE A 100 5.54 -16.74 23.51
CA ILE A 100 4.73 -17.83 24.04
C ILE A 100 3.31 -17.74 23.50
N MET A 101 2.71 -16.57 23.56
CA MET A 101 1.33 -16.44 23.10
C MET A 101 1.23 -16.60 21.59
N SER A 102 2.24 -16.13 20.85
CA SER A 102 2.19 -16.26 19.39
C SER A 102 2.21 -17.72 18.97
N THR A 103 3.18 -18.48 19.49
CA THR A 103 3.24 -19.89 19.11
C THR A 103 2.06 -20.67 19.67
N LEU A 104 1.54 -20.26 20.84
CA LEU A 104 0.35 -20.93 21.37
C LEU A 104 -0.84 -20.71 20.45
N THR A 105 -1.01 -19.47 19.96
CA THR A 105 -2.08 -19.20 19.01
C THR A 105 -1.89 -19.99 17.73
N ALA A 106 -0.65 -20.14 17.28
CA ALA A 106 -0.39 -20.98 16.11
C ALA A 106 -0.85 -22.41 16.36
N LEU A 107 -0.63 -22.91 17.58
CA LEU A 107 -1.17 -24.23 17.93
C LEU A 107 -2.69 -24.25 17.86
N ILE A 108 -3.33 -23.27 18.50
CA ILE A 108 -4.78 -23.27 18.58
C ILE A 108 -5.40 -23.21 17.19
N LEU A 109 -4.85 -22.37 16.32
CA LEU A 109 -5.35 -22.30 14.96
C LEU A 109 -5.04 -23.55 14.15
N SER A 110 -4.37 -24.54 14.74
CA SER A 110 -4.08 -25.80 14.07
C SER A 110 -3.30 -25.56 12.78
N GLN A 111 -2.18 -24.87 12.92
CA GLN A 111 -1.30 -24.61 11.79
C GLN A 111 -0.52 -25.87 11.43
N ASP A 112 0.36 -25.76 10.45
CA ASP A 112 1.20 -26.88 10.06
C ASP A 112 2.21 -27.15 11.16
N LYS A 113 2.13 -28.35 11.76
CA LYS A 113 3.01 -28.68 12.87
C LYS A 113 4.47 -28.71 12.45
N SER A 114 4.75 -28.81 11.15
CA SER A 114 6.15 -28.83 10.71
C SER A 114 6.81 -27.48 10.93
N ALA A 115 6.14 -26.39 10.53
CA ALA A 115 6.71 -25.06 10.70
C ALA A 115 6.29 -24.43 12.02
N ILE A 116 6.40 -25.21 13.09
CA ILE A 116 6.43 -24.66 14.45
C ILE A 116 7.61 -25.18 15.24
N ALA A 117 8.12 -26.37 14.93
CA ALA A 117 9.37 -26.81 15.51
C ALA A 117 10.56 -26.06 14.93
N ALA A 118 10.35 -25.29 13.86
CA ALA A 118 11.37 -24.40 13.35
C ALA A 118 11.24 -22.99 13.90
N GLY A 119 10.29 -22.76 14.80
CA GLY A 119 10.09 -21.44 15.36
C GLY A 119 9.42 -20.46 14.44
N PHE A 120 8.87 -20.93 13.32
CA PHE A 120 8.32 -20.04 12.30
C PHE A 120 7.20 -19.16 12.81
N HIS A 121 6.50 -19.55 13.87
CA HIS A 121 5.41 -18.74 14.36
C HIS A 121 5.75 -17.97 15.63
N GLY A 122 6.90 -18.21 16.22
CA GLY A 122 7.28 -17.50 17.41
C GLY A 122 8.10 -16.24 17.14
N TYR A 123 8.83 -16.21 16.04
CA TYR A 123 9.73 -15.09 15.81
C TYR A 123 8.98 -13.79 15.59
N ASN A 124 7.72 -13.84 15.18
CA ASN A 124 6.91 -12.65 15.08
C ASN A 124 6.29 -12.25 16.41
N GLY A 125 6.52 -13.02 17.46
CA GLY A 125 5.96 -12.68 18.76
C GLY A 125 6.97 -11.98 19.64
N VAL A 126 8.22 -12.44 19.60
CA VAL A 126 9.28 -11.80 20.38
C VAL A 126 9.43 -10.36 19.95
N LEU A 127 9.37 -10.09 18.65
CA LEU A 127 9.50 -8.73 18.18
C LEU A 127 8.30 -7.89 18.59
N VAL A 128 7.09 -8.45 18.53
CA VAL A 128 5.93 -7.70 18.96
C VAL A 128 6.05 -7.32 20.43
N GLY A 129 6.44 -8.27 21.27
CA GLY A 129 6.58 -7.96 22.68
C GLY A 129 7.66 -6.92 22.94
N LEU A 130 8.83 -7.11 22.33
CA LEU A 130 9.94 -6.21 22.58
C LEU A 130 9.64 -4.81 22.08
N LEU A 131 9.01 -4.68 20.93
CA LEU A 131 8.72 -3.35 20.40
C LEU A 131 7.50 -2.73 21.06
N MET A 132 6.59 -3.54 21.57
CA MET A 132 5.51 -3.00 22.38
C MET A 132 6.04 -2.42 23.68
N ALA A 133 7.00 -3.10 24.30
CA ALA A 133 7.51 -2.70 25.60
C ALA A 133 8.69 -1.75 25.53
N VAL A 134 9.27 -1.52 24.35
CA VAL A 134 10.31 -0.50 24.24
C VAL A 134 9.70 0.85 23.91
N PHE A 135 8.48 0.88 23.38
CA PHE A 135 7.85 2.11 22.96
C PHE A 135 6.77 2.59 23.93
N SER A 136 6.62 1.93 25.07
CA SER A 136 5.60 2.32 26.03
C SER A 136 6.16 3.42 26.91
N ASP A 137 5.44 4.53 26.96
CA ASP A 137 5.90 5.69 27.72
C ASP A 137 5.68 5.53 29.22
N LYS A 138 4.83 4.60 29.64
CA LYS A 138 4.53 4.44 31.06
C LYS A 138 5.72 3.99 31.88
N GLY A 139 6.78 3.49 31.25
CA GLY A 139 7.98 3.12 31.96
C GLY A 139 8.18 1.62 32.02
N ASP A 140 8.98 1.21 32.99
CA ASP A 140 9.31 -0.20 33.17
C ASP A 140 8.35 -0.84 34.17
N TYR A 141 8.04 -2.10 33.92
CA TYR A 141 7.17 -2.88 34.79
C TYR A 141 5.80 -2.22 34.96
N TYR A 142 5.30 -1.63 33.88
CA TYR A 142 3.90 -1.23 33.79
C TYR A 142 3.13 -2.48 33.43
N TRP A 143 2.70 -3.22 34.47
CA TRP A 143 2.19 -4.57 34.26
C TRP A 143 1.02 -4.61 33.29
N TRP A 144 0.21 -3.56 33.24
CA TRP A 144 -0.95 -3.58 32.35
C TRP A 144 -0.55 -3.79 30.90
N LEU A 145 0.66 -3.37 30.53
CA LEU A 145 1.10 -3.54 29.16
C LEU A 145 1.08 -5.01 28.73
N LEU A 146 1.17 -5.94 29.68
CA LEU A 146 1.16 -7.35 29.30
C LEU A 146 -0.15 -7.75 28.63
N LEU A 147 -1.24 -6.99 28.87
CA LEU A 147 -2.52 -7.38 28.28
C LEU A 147 -2.54 -7.20 26.77
N PRO A 148 -2.33 -6.01 26.20
CA PRO A 148 -2.32 -5.92 24.73
C PRO A 148 -1.22 -6.74 24.10
N VAL A 149 -0.07 -6.87 24.78
CA VAL A 149 1.00 -7.72 24.28
C VAL A 149 0.49 -9.15 24.08
N ILE A 150 -0.44 -9.60 24.93
CA ILE A 150 -1.08 -10.87 24.67
C ILE A 150 -1.92 -10.79 23.41
N ILE A 151 -2.83 -9.81 23.34
CA ILE A 151 -3.80 -9.79 22.24
C ILE A 151 -3.08 -9.68 20.91
N MET A 152 -2.15 -8.73 20.80
CA MET A 152 -1.42 -8.59 19.54
C MET A 152 -0.58 -9.82 19.25
N SER A 153 -0.06 -10.49 20.29
CA SER A 153 0.69 -11.72 20.03
C SER A 153 -0.21 -12.80 19.46
N MET A 154 -1.51 -12.76 19.77
CA MET A 154 -2.45 -13.71 19.18
C MET A 154 -2.82 -13.34 17.76
N SER A 155 -2.33 -12.20 17.25
CA SER A 155 -2.62 -11.75 15.91
C SER A 155 -1.48 -12.00 14.94
N CYS A 156 -0.38 -12.56 15.39
CA CYS A 156 0.75 -12.80 14.49
C CYS A 156 0.57 -14.05 13.64
N PRO A 157 0.14 -15.19 14.21
CA PRO A 157 -0.12 -16.34 13.33
C PRO A 157 -1.10 -16.04 12.23
N ILE A 158 -2.22 -15.40 12.57
CA ILE A 158 -3.24 -15.05 11.57
C ILE A 158 -2.59 -14.32 10.41
N LEU A 159 -1.97 -13.17 10.69
CA LEU A 159 -1.27 -12.45 9.63
C LEU A 159 -0.25 -13.34 8.95
N SER A 160 0.54 -14.07 9.72
CA SER A 160 1.58 -14.90 9.11
C SER A 160 0.97 -15.95 8.20
N SER A 161 -0.25 -16.40 8.51
CA SER A 161 -0.94 -17.27 7.57
C SER A 161 -1.38 -16.50 6.35
N ALA A 162 -2.03 -15.37 6.55
CA ALA A 162 -2.66 -14.67 5.43
C ALA A 162 -1.61 -14.24 4.41
N LEU A 163 -0.58 -13.54 4.87
CA LEU A 163 0.48 -13.14 3.97
C LEU A 163 1.08 -14.34 3.26
N GLY A 164 1.17 -15.48 3.94
CA GLY A 164 1.69 -16.66 3.28
C GLY A 164 0.89 -17.01 2.04
N THR A 165 -0.44 -17.01 2.16
CA THR A 165 -1.26 -17.33 1.01
C THR A 165 -1.13 -16.29 -0.09
N ILE A 166 -0.83 -15.05 0.29
CA ILE A 166 -0.57 -14.03 -0.72
C ILE A 166 0.76 -14.31 -1.42
N PHE A 167 1.77 -14.74 -0.68
CA PHE A 167 3.09 -14.90 -1.24
C PHE A 167 3.34 -16.27 -1.83
N SER A 168 2.47 -17.24 -1.57
CA SER A 168 2.70 -18.60 -2.06
C SER A 168 2.82 -18.62 -3.58
N LYS A 169 2.14 -17.71 -4.28
CA LYS A 169 2.20 -17.69 -5.73
C LYS A 169 3.60 -17.38 -6.25
N TRP A 170 4.48 -16.83 -5.42
CA TRP A 170 5.80 -16.43 -5.88
C TRP A 170 6.92 -17.10 -5.11
N ASP A 171 6.61 -18.16 -4.36
CA ASP A 171 7.60 -18.89 -3.57
C ASP A 171 8.43 -17.92 -2.75
N LEU A 172 7.78 -16.97 -2.10
CA LEU A 172 8.49 -15.93 -1.31
C LEU A 172 8.12 -16.01 0.16
N PRO A 173 9.09 -15.84 1.06
CA PRO A 173 8.82 -15.96 2.51
C PRO A 173 8.04 -14.78 3.07
N VAL A 174 7.31 -14.97 4.17
CA VAL A 174 6.50 -13.89 4.73
C VAL A 174 7.33 -12.89 5.49
N PHE A 175 8.55 -13.25 5.83
CA PHE A 175 9.47 -12.33 6.49
C PHE A 175 8.96 -11.74 7.77
N THR A 176 9.28 -10.49 8.06
CA THR A 176 8.89 -9.90 9.32
C THR A 176 7.72 -8.99 9.12
N LEU A 177 7.00 -9.16 8.02
CA LEU A 177 5.81 -8.37 7.79
C LEU A 177 4.72 -8.55 8.84
N PRO A 178 4.53 -9.76 9.37
CA PRO A 178 3.49 -9.83 10.39
C PRO A 178 3.73 -8.93 11.60
N PHE A 179 4.95 -8.81 12.06
CA PHE A 179 5.26 -7.91 13.17
C PHE A 179 4.98 -6.48 12.78
N ASN A 180 5.39 -6.07 11.59
CA ASN A 180 5.21 -4.69 11.20
C ASN A 180 3.75 -4.34 11.28
N ILE A 181 2.89 -5.13 10.67
CA ILE A 181 1.46 -4.82 10.64
C ILE A 181 0.93 -4.72 12.05
N THR A 182 1.27 -5.67 12.90
CA THR A 182 0.69 -5.69 14.24
C THR A 182 1.19 -4.53 15.08
N VAL A 183 2.48 -4.26 15.06
CA VAL A 183 3.03 -3.19 15.89
C VAL A 183 2.62 -1.83 15.35
N THR A 184 2.58 -1.66 14.03
CA THR A 184 2.05 -0.41 13.48
C THR A 184 0.60 -0.23 13.89
N LEU A 185 -0.19 -1.30 13.84
CA LEU A 185 -1.57 -1.24 14.28
C LEU A 185 -1.68 -0.79 15.72
N TYR A 186 -0.85 -1.36 16.59
CA TYR A 186 -0.92 -0.99 18.00
C TYR A 186 -0.46 0.44 18.23
N LEU A 187 0.72 0.79 17.72
CA LEU A 187 1.29 2.11 17.98
C LEU A 187 0.49 3.23 17.33
N ALA A 188 -0.30 2.93 16.31
CA ALA A 188 -1.20 3.92 15.77
C ALA A 188 -2.56 3.91 16.44
N ALA A 189 -2.99 2.75 16.93
CA ALA A 189 -4.27 2.68 17.64
C ALA A 189 -4.20 3.44 18.95
N THR A 190 -3.08 3.34 19.65
CA THR A 190 -2.94 4.02 20.94
C THR A 190 -2.36 5.42 20.77
N GLY A 191 -1.15 5.51 20.22
CA GLY A 191 -0.51 6.80 20.03
C GLY A 191 0.12 7.32 21.30
N HIS A 192 0.72 8.51 21.19
CA HIS A 192 1.40 9.10 22.33
C HIS A 192 0.45 9.70 23.34
N TYR A 193 -0.76 10.09 22.93
CA TYR A 193 -1.70 10.74 23.82
C TYR A 193 -2.73 9.79 24.40
N ASN A 194 -2.63 8.50 24.14
CA ASN A 194 -3.56 7.56 24.73
C ASN A 194 -3.42 7.55 26.23
N LEU A 195 -4.48 7.14 26.91
CA LEU A 195 -4.53 7.29 28.36
C LEU A 195 -4.19 6.00 29.09
N PHE A 196 -4.33 4.84 28.46
CA PHE A 196 -4.00 3.56 29.07
C PHE A 196 -2.63 3.05 28.70
N PHE A 197 -2.24 3.16 27.43
CA PHE A 197 -0.95 2.65 26.95
C PHE A 197 -0.26 3.68 26.07
N PRO A 198 0.17 4.80 26.64
CA PRO A 198 0.81 5.83 25.83
C PRO A 198 2.11 5.33 25.23
N THR A 199 2.51 5.92 24.12
CA THR A 199 3.74 5.55 23.43
C THR A 199 4.66 6.76 23.34
N THR A 200 5.96 6.49 23.20
CA THR A 200 6.93 7.56 23.07
C THR A 200 6.66 8.37 21.82
N LEU A 201 6.95 9.67 21.88
CA LEU A 201 6.60 10.59 20.81
C LEU A 201 7.65 10.59 19.72
N LEU A 202 7.18 10.44 18.47
CA LEU A 202 8.08 10.50 17.31
C LEU A 202 7.45 11.53 16.37
N GLN A 203 8.20 12.56 15.98
CA GLN A 203 7.67 13.61 15.12
C GLN A 203 8.70 13.92 14.04
N PRO A 204 8.24 14.38 12.88
CA PRO A 204 9.18 14.61 11.77
C PRO A 204 10.15 15.74 12.09
N ALA A 205 11.30 15.69 11.41
CA ALA A 205 12.29 16.74 11.55
C ALA A 205 11.73 18.06 11.08
N SER A 206 11.95 19.10 11.87
CA SER A 206 11.43 20.44 11.56
C SER A 206 12.54 21.46 11.38
N ALA A 207 13.80 21.05 11.46
CA ALA A 207 14.90 21.97 11.25
C ALA A 207 16.11 21.19 10.76
N MET A 208 17.01 21.91 10.10
CA MET A 208 18.20 21.28 9.58
C MET A 208 19.06 20.76 10.72
N PRO A 209 19.44 19.48 10.70
CA PRO A 209 20.26 18.95 11.79
C PRO A 209 21.63 19.61 11.81
N ASN A 210 22.20 19.71 13.01
CA ASN A 210 23.52 20.32 13.20
C ASN A 210 24.53 19.19 13.36
N ILE A 211 25.15 18.82 12.25
CA ILE A 211 26.13 17.75 12.20
C ILE A 211 27.50 18.37 12.00
N THR A 212 28.39 18.14 12.96
CA THR A 212 29.77 18.60 12.89
C THR A 212 30.67 17.39 12.70
N TRP A 213 31.39 17.35 11.58
CA TRP A 213 32.23 16.20 11.28
C TRP A 213 33.55 16.23 12.04
N SER A 214 33.84 17.31 12.77
CA SER A 214 35.00 17.30 13.64
C SER A 214 34.78 16.40 14.85
N GLU A 215 33.55 16.31 15.33
CA GLU A 215 33.23 15.64 16.58
C GLU A 215 32.85 14.17 16.41
N VAL A 216 32.84 13.65 15.19
CA VAL A 216 32.54 12.25 14.99
C VAL A 216 33.48 11.40 15.81
N GLN A 217 32.94 10.50 16.61
CA GLN A 217 33.81 9.61 17.36
C GLN A 217 33.86 8.32 16.61
N VAL A 218 35.00 8.02 16.01
CA VAL A 218 35.16 6.77 15.28
C VAL A 218 35.03 5.53 16.16
N PRO A 219 35.57 5.55 17.38
CA PRO A 219 35.36 4.33 18.15
C PRO A 219 33.88 4.05 18.38
N LEU A 220 33.10 5.06 18.73
CA LEU A 220 31.68 4.83 18.89
C LEU A 220 31.08 4.44 17.57
N LEU A 221 31.54 5.07 16.49
CA LEU A 221 30.96 4.79 15.20
C LEU A 221 31.20 3.34 14.86
N LEU A 222 32.39 2.82 15.13
CA LEU A 222 32.67 1.41 14.88
C LEU A 222 31.80 0.53 15.74
N ARG A 223 31.60 0.95 16.98
CA ARG A 223 30.78 0.18 17.89
C ARG A 223 29.36 0.14 17.40
N ALA A 224 29.02 1.00 16.44
CA ALA A 224 27.68 0.93 15.87
C ALA A 224 27.39 -0.37 15.13
N ILE A 225 28.37 -1.26 14.96
CA ILE A 225 28.15 -2.53 14.27
C ILE A 225 27.42 -3.51 15.18
N PRO A 226 27.98 -3.89 16.36
CA PRO A 226 27.21 -4.80 17.22
C PRO A 226 25.92 -4.19 17.70
N VAL A 227 25.90 -2.88 17.92
CA VAL A 227 24.67 -2.20 18.30
C VAL A 227 23.64 -2.36 17.20
N GLY A 228 24.07 -2.19 15.95
CA GLY A 228 23.17 -2.41 14.84
C GLY A 228 22.66 -3.84 14.77
N ILE A 229 23.49 -4.81 15.14
CA ILE A 229 23.02 -6.19 15.18
C ILE A 229 21.95 -6.36 16.26
N GLY A 230 22.19 -5.77 17.43
CA GLY A 230 21.26 -5.95 18.53
C GLY A 230 19.98 -5.17 18.39
N GLN A 231 20.01 -4.08 17.62
CA GLN A 231 18.83 -3.23 17.51
C GLN A 231 17.68 -3.91 16.79
N VAL A 232 17.91 -5.05 16.16
CA VAL A 232 16.81 -5.81 15.57
C VAL A 232 15.79 -6.15 16.64
N TYR A 233 16.26 -6.57 17.81
CA TYR A 233 15.39 -6.89 18.92
C TYR A 233 15.02 -5.67 19.74
N GLY A 234 15.47 -4.49 19.37
CA GLY A 234 15.20 -3.28 20.12
C GLY A 234 16.28 -2.95 21.12
N CYS A 235 17.21 -3.86 21.35
CA CYS A 235 18.24 -3.68 22.36
C CYS A 235 19.42 -2.92 21.77
N ASP A 236 19.95 -1.96 22.53
CA ASP A 236 21.02 -1.11 22.05
C ASP A 236 22.34 -1.28 22.81
N ASN A 237 22.33 -1.97 23.93
CA ASN A 237 23.56 -2.17 24.69
C ASN A 237 24.58 -2.88 23.82
N PRO A 238 25.82 -2.40 23.73
CA PRO A 238 26.82 -3.13 22.94
C PRO A 238 27.04 -4.54 23.41
N TRP A 239 26.87 -4.81 24.71
CA TRP A 239 27.09 -6.16 25.21
C TRP A 239 26.05 -7.13 24.65
N THR A 240 24.78 -6.71 24.55
CA THR A 240 23.80 -7.58 23.93
C THR A 240 24.06 -7.74 22.43
N GLY A 241 24.65 -6.73 21.79
CA GLY A 241 25.06 -6.91 20.41
C GLY A 241 26.13 -7.97 20.27
N GLY A 242 27.12 -7.94 21.15
CA GLY A 242 28.12 -8.98 21.14
C GLY A 242 27.52 -10.35 21.40
N ILE A 243 26.59 -10.42 22.34
CA ILE A 243 25.92 -11.69 22.62
C ILE A 243 25.23 -12.19 21.37
N PHE A 244 24.55 -11.30 20.64
CA PHE A 244 23.86 -11.70 19.43
C PHE A 244 24.83 -12.17 18.36
N LEU A 245 25.94 -11.45 18.17
CA LEU A 245 26.92 -11.87 17.18
C LEU A 245 27.47 -13.26 17.51
N ILE A 246 27.76 -13.51 18.78
CA ILE A 246 28.22 -14.84 19.19
C ILE A 246 27.12 -15.87 18.95
N ALA A 247 25.89 -15.53 19.28
CA ALA A 247 24.79 -16.48 19.15
C ALA A 247 24.60 -16.88 17.69
N LEU A 248 24.76 -15.94 16.77
CA LEU A 248 24.70 -16.30 15.36
C LEU A 248 25.92 -17.13 14.96
N PHE A 249 27.10 -16.73 15.42
CA PHE A 249 28.31 -17.41 15.00
C PHE A 249 28.38 -18.85 15.51
N ILE A 250 27.64 -19.18 16.57
CA ILE A 250 27.61 -20.57 17.02
C ILE A 250 27.02 -21.46 15.95
N SER A 251 25.93 -21.04 15.32
CA SER A 251 25.24 -21.91 14.38
C SER A 251 25.94 -21.93 13.03
N SER A 252 26.00 -20.78 12.37
CA SER A 252 26.57 -20.69 11.04
C SER A 252 27.38 -19.41 10.89
N PRO A 253 28.66 -19.51 10.56
CA PRO A 253 29.48 -18.30 10.45
C PRO A 253 29.00 -17.32 9.39
N LEU A 254 28.42 -17.81 8.28
CA LEU A 254 28.05 -16.90 7.21
C LEU A 254 26.97 -15.91 7.64
N ILE A 255 26.01 -16.36 8.45
CA ILE A 255 24.99 -15.44 8.95
C ILE A 255 25.63 -14.35 9.80
N CYS A 256 26.58 -14.73 10.66
CA CYS A 256 27.28 -13.72 11.45
C CYS A 256 28.03 -12.74 10.57
N LEU A 257 28.73 -13.26 9.55
CA LEU A 257 29.49 -12.38 8.67
C LEU A 257 28.59 -11.42 7.93
N HIS A 258 27.48 -11.92 7.39
CA HIS A 258 26.57 -11.06 6.66
C HIS A 258 25.85 -10.09 7.58
N ALA A 259 25.62 -10.47 8.84
CA ALA A 259 25.05 -9.53 9.79
C ALA A 259 26.00 -8.39 10.06
N ALA A 260 27.28 -8.70 10.31
CA ALA A 260 28.26 -7.65 10.53
C ALA A 260 28.37 -6.75 9.31
N ILE A 261 28.43 -7.36 8.12
CA ILE A 261 28.55 -6.57 6.89
C ILE A 261 27.33 -5.71 6.69
N GLY A 262 26.14 -6.24 6.98
CA GLY A 262 24.94 -5.44 6.80
C GLY A 262 24.85 -4.28 7.76
N SER A 263 25.17 -4.51 9.03
CA SER A 263 25.17 -3.41 9.99
C SER A 263 26.17 -2.34 9.58
N THR A 264 27.37 -2.75 9.18
CA THR A 264 28.35 -1.79 8.70
C THR A 264 27.83 -1.07 7.46
N MET A 265 27.15 -1.78 6.58
CA MET A 265 26.81 -1.19 5.30
C MET A 265 25.72 -0.15 5.49
N GLY A 266 24.78 -0.43 6.39
CA GLY A 266 23.80 0.57 6.77
C GLY A 266 24.41 1.75 7.52
N MET A 267 25.35 1.47 8.42
CA MET A 267 26.04 2.54 9.12
C MET A 267 26.61 3.50 8.10
N LEU A 268 27.24 2.96 7.05
CA LEU A 268 27.84 3.80 6.03
C LEU A 268 26.80 4.51 5.20
N ALA A 269 25.72 3.82 4.84
CA ALA A 269 24.69 4.41 4.02
C ALA A 269 24.01 5.58 4.69
N ALA A 270 23.92 5.57 6.02
CA ALA A 270 23.37 6.72 6.72
C ALA A 270 24.39 7.80 7.03
N LEU A 271 25.67 7.56 6.78
CA LEU A 271 26.64 8.64 6.81
C LEU A 271 26.73 9.40 5.49
N THR A 272 26.12 8.89 4.43
CA THR A 272 26.14 9.59 3.16
C THR A 272 25.02 10.61 3.03
N ILE A 273 23.88 10.36 3.64
CA ILE A 273 22.77 11.30 3.62
C ILE A 273 22.76 12.18 4.86
N ALA A 274 23.84 12.17 5.64
CA ALA A 274 24.02 13.06 6.77
C ALA A 274 22.92 12.88 7.82
N THR A 275 22.81 11.66 8.33
CA THR A 275 21.92 11.43 9.46
C THR A 275 22.58 11.93 10.73
N PRO A 276 21.79 12.38 11.70
CA PRO A 276 22.37 12.81 12.98
C PRO A 276 23.14 11.68 13.63
N PHE A 277 24.28 12.02 14.24
CA PHE A 277 25.19 11.00 14.75
C PHE A 277 24.59 10.19 15.88
N ASP A 278 23.64 10.76 16.62
CA ASP A 278 23.05 10.04 17.73
C ASP A 278 22.40 8.75 17.26
N SER A 279 21.68 8.81 16.14
CA SER A 279 21.09 7.60 15.58
C SER A 279 22.16 6.61 15.13
N ILE A 280 23.28 7.10 14.60
CA ILE A 280 24.32 6.20 14.15
C ILE A 280 24.90 5.42 15.33
N TYR A 281 25.29 6.14 16.38
CA TYR A 281 25.83 5.45 17.56
C TYR A 281 24.79 4.54 18.19
N PHE A 282 23.54 5.01 18.26
CA PHE A 282 22.49 4.30 18.96
C PHE A 282 22.04 3.06 18.20
N GLY A 283 22.39 2.92 16.93
CA GLY A 283 22.10 1.74 16.16
C GLY A 283 20.84 1.77 15.34
N LEU A 284 20.17 2.92 15.24
CA LEU A 284 18.88 2.97 14.56
C LEU A 284 19.01 2.78 13.06
N CYS A 285 20.22 2.90 12.51
CA CYS A 285 20.40 2.84 11.07
C CYS A 285 21.01 1.52 10.61
N GLY A 286 20.90 0.48 11.43
CA GLY A 286 21.60 -0.74 11.10
C GLY A 286 20.89 -2.03 11.46
N PHE A 287 19.59 -1.98 11.68
CA PHE A 287 18.86 -3.22 11.91
C PHE A 287 18.11 -3.67 10.68
N ASN A 288 17.58 -2.75 9.88
CA ASN A 288 17.06 -3.13 8.57
C ASN A 288 18.18 -3.68 7.69
N SER A 289 19.33 -3.02 7.73
CA SER A 289 20.44 -3.40 6.86
C SER A 289 20.93 -4.81 7.17
N THR A 290 21.11 -5.11 8.46
CA THR A 290 21.63 -6.42 8.84
C THR A 290 20.64 -7.53 8.50
N LEU A 291 19.34 -7.30 8.75
CA LEU A 291 18.35 -8.31 8.42
C LEU A 291 18.32 -8.57 6.91
N ALA A 292 18.34 -7.49 6.12
CA ALA A 292 18.32 -7.66 4.68
C ALA A 292 19.57 -8.39 4.20
N CYS A 293 20.73 -8.03 4.75
CA CYS A 293 21.96 -8.68 4.34
C CYS A 293 21.94 -10.16 4.65
N ILE A 294 21.44 -10.53 5.84
CA ILE A 294 21.36 -11.94 6.17
C ILE A 294 20.40 -12.66 5.24
N ALA A 295 19.24 -12.06 4.99
CA ALA A 295 18.21 -12.74 4.19
C ALA A 295 18.66 -12.96 2.76
N ILE A 296 19.31 -11.97 2.16
CA ILE A 296 19.69 -12.09 0.76
C ILE A 296 21.03 -12.78 0.57
N GLY A 297 21.94 -12.66 1.53
CA GLY A 297 23.29 -13.11 1.32
C GLY A 297 23.43 -14.59 1.08
N GLY A 298 23.17 -15.39 2.09
CA GLY A 298 23.45 -16.81 1.95
C GLY A 298 22.26 -17.71 2.24
N MET A 299 21.14 -17.15 2.67
CA MET A 299 20.03 -18.02 3.04
C MET A 299 19.06 -18.26 1.89
N PHE A 300 18.43 -17.21 1.39
CA PHE A 300 17.46 -17.41 0.32
C PHE A 300 18.10 -17.49 -1.05
N TYR A 301 19.35 -17.09 -1.16
CA TYR A 301 20.15 -17.31 -2.35
C TYR A 301 21.34 -18.17 -1.97
N VAL A 302 21.68 -19.13 -2.82
CA VAL A 302 22.88 -19.93 -2.58
C VAL A 302 24.05 -18.98 -2.52
N ILE A 303 24.85 -19.07 -1.45
CA ILE A 303 25.93 -18.12 -1.27
C ILE A 303 26.93 -18.21 -2.40
N THR A 304 27.24 -17.06 -2.99
CA THR A 304 28.25 -16.94 -4.03
C THR A 304 28.68 -15.48 -4.03
N TRP A 305 29.83 -15.21 -4.65
CA TRP A 305 30.31 -13.83 -4.68
C TRP A 305 29.32 -12.91 -5.38
N GLN A 306 28.67 -13.41 -6.44
CA GLN A 306 27.59 -12.63 -7.05
C GLN A 306 26.48 -12.34 -6.05
N THR A 307 26.02 -13.37 -5.35
CA THR A 307 25.00 -13.15 -4.34
C THR A 307 25.52 -12.27 -3.21
N HIS A 308 26.82 -12.32 -2.94
CA HIS A 308 27.38 -11.46 -1.89
C HIS A 308 27.27 -9.99 -2.27
N LEU A 309 27.65 -9.66 -3.51
CA LEU A 309 27.47 -8.28 -3.97
C LEU A 309 25.99 -7.91 -4.00
N LEU A 310 25.13 -8.86 -4.37
CA LEU A 310 23.70 -8.59 -4.36
C LEU A 310 23.22 -8.28 -2.95
N ALA A 311 23.74 -9.00 -1.96
CA ALA A 311 23.36 -8.77 -0.58
C ALA A 311 23.82 -7.42 -0.09
N ILE A 312 25.04 -7.02 -0.45
CA ILE A 312 25.52 -5.71 -0.03
C ILE A 312 24.68 -4.61 -0.69
N ALA A 313 24.34 -4.79 -1.96
CA ALA A 313 23.45 -3.83 -2.61
C ALA A 313 22.09 -3.80 -1.92
N CYS A 314 21.60 -4.95 -1.46
CA CYS A 314 20.33 -4.99 -0.76
C CYS A 314 20.43 -4.27 0.57
N ALA A 315 21.59 -4.38 1.23
CA ALA A 315 21.78 -3.62 2.47
C ALA A 315 21.74 -2.13 2.20
N LEU A 316 22.35 -1.70 1.10
CA LEU A 316 22.28 -0.29 0.73
C LEU A 316 20.85 0.16 0.50
N PHE A 317 20.11 -0.58 -0.32
CA PHE A 317 18.73 -0.22 -0.62
C PHE A 317 17.88 -0.23 0.64
N ALA A 318 18.10 -1.21 1.50
CA ALA A 318 17.33 -1.31 2.74
C ALA A 318 17.64 -0.16 3.67
N ALA A 319 18.91 0.26 3.77
CA ALA A 319 19.24 1.36 4.66
C ALA A 319 18.65 2.67 4.15
N TYR A 320 18.76 2.94 2.85
CA TYR A 320 18.18 4.16 2.32
C TYR A 320 16.67 4.15 2.45
N LEU A 321 16.04 3.01 2.18
CA LEU A 321 14.61 2.89 2.38
C LEU A 321 14.24 3.03 3.84
N GLY A 322 15.13 2.62 4.75
CA GLY A 322 14.88 2.81 6.16
C GLY A 322 14.86 4.28 6.53
N ALA A 323 15.81 5.05 6.02
CA ALA A 323 15.78 6.49 6.23
C ALA A 323 14.50 7.09 5.67
N ALA A 324 14.12 6.66 4.47
CA ALA A 324 12.91 7.21 3.84
C ALA A 324 11.69 6.93 4.70
N LEU A 325 11.47 5.67 5.06
CA LEU A 325 10.28 5.32 5.83
C LEU A 325 10.31 5.93 7.21
N ALA A 326 11.49 6.12 7.80
CA ALA A 326 11.57 6.78 9.09
C ALA A 326 11.17 8.25 8.99
N ASN A 327 11.53 8.93 7.90
CA ASN A 327 11.04 10.29 7.74
C ASN A 327 9.57 10.33 7.38
N MET A 328 9.06 9.32 6.70
CA MET A 328 7.65 9.30 6.33
C MET A 328 6.76 8.83 7.48
N LEU A 329 7.06 7.65 8.03
CA LEU A 329 6.23 7.08 9.08
C LEU A 329 6.28 7.89 10.37
N SER A 330 7.24 8.80 10.51
CA SER A 330 7.24 9.63 11.71
C SER A 330 6.18 10.72 11.65
N VAL A 331 5.54 10.92 10.51
CA VAL A 331 4.43 11.87 10.45
C VAL A 331 3.27 11.41 11.31
N PHE A 332 2.95 10.12 11.24
CA PHE A 332 1.89 9.58 12.08
C PHE A 332 2.32 9.40 13.53
N GLY A 333 3.63 9.42 13.80
CA GLY A 333 4.15 9.06 15.09
C GLY A 333 4.63 7.64 15.19
N LEU A 334 4.63 6.90 14.09
CA LEU A 334 5.04 5.52 14.03
C LEU A 334 6.55 5.42 13.81
N PRO A 335 7.18 4.34 14.26
CA PRO A 335 8.58 4.12 13.98
C PRO A 335 8.76 3.23 12.75
N PRO A 336 9.95 3.19 12.18
CA PRO A 336 10.20 2.27 11.06
C PRO A 336 10.50 0.86 11.57
N CYS A 337 9.45 0.14 11.94
CA CYS A 337 9.61 -1.14 12.61
C CYS A 337 9.76 -2.24 11.56
N THR A 338 10.99 -2.42 11.08
CA THR A 338 11.36 -3.52 10.19
C THR A 338 10.41 -3.60 9.00
N TRP A 339 9.97 -2.45 8.51
CA TRP A 339 9.34 -2.34 7.20
C TRP A 339 10.41 -2.33 6.11
N PRO A 340 11.47 -1.52 6.25
CA PRO A 340 12.44 -1.41 5.15
C PRO A 340 13.09 -2.73 4.79
N PHE A 341 13.44 -3.53 5.79
CA PHE A 341 14.01 -4.84 5.51
C PHE A 341 13.04 -5.67 4.70
N CYS A 342 11.77 -5.71 5.12
CA CYS A 342 10.79 -6.52 4.41
C CYS A 342 10.67 -6.08 2.96
N LEU A 343 10.52 -4.78 2.73
CA LEU A 343 10.34 -4.29 1.37
C LEU A 343 11.57 -4.57 0.51
N SER A 344 12.76 -4.32 1.03
CA SER A 344 13.96 -4.50 0.23
C SER A 344 14.23 -5.98 -0.04
N ALA A 345 14.04 -6.84 0.97
CA ALA A 345 14.25 -8.26 0.74
C ALA A 345 13.26 -8.82 -0.26
N LEU A 346 11.99 -8.39 -0.18
CA LEU A 346 11.03 -8.84 -1.17
C LEU A 346 11.41 -8.38 -2.57
N THR A 347 11.76 -7.11 -2.73
CA THR A 347 12.10 -6.66 -4.07
C THR A 347 13.44 -7.20 -4.54
N PHE A 348 14.23 -7.81 -3.65
CA PHE A 348 15.47 -8.44 -4.09
C PHE A 348 15.33 -9.94 -4.29
N LEU A 349 14.27 -10.55 -3.78
CA LEU A 349 14.01 -11.95 -4.07
C LEU A 349 13.12 -12.14 -5.29
N LEU A 350 12.18 -11.24 -5.51
CA LEU A 350 11.40 -11.28 -6.74
C LEU A 350 12.24 -10.94 -7.96
N LEU A 351 13.42 -10.36 -7.74
CA LEU A 351 14.29 -9.98 -8.84
C LEU A 351 14.68 -11.19 -9.68
N THR A 352 14.62 -11.03 -10.99
CA THR A 352 14.88 -12.12 -11.93
C THR A 352 16.13 -11.81 -12.73
N THR A 353 17.01 -12.81 -12.84
CA THR A 353 18.28 -12.69 -13.56
C THR A 353 18.43 -13.83 -14.55
N ASN A 354 19.44 -13.70 -15.40
CA ASN A 354 19.77 -14.76 -16.35
C ASN A 354 20.95 -15.61 -15.90
N ASN A 355 21.97 -14.99 -15.31
CA ASN A 355 23.19 -15.74 -15.00
C ASN A 355 22.89 -16.84 -13.99
N PRO A 356 23.47 -18.02 -14.16
CA PRO A 356 23.11 -19.16 -13.28
C PRO A 356 23.61 -19.03 -11.87
N ALA A 357 24.55 -18.11 -11.60
CA ALA A 357 25.07 -17.99 -10.24
C ALA A 357 23.99 -17.52 -9.27
N ILE A 358 23.15 -16.59 -9.71
CA ILE A 358 22.10 -16.04 -8.85
C ILE A 358 20.96 -17.06 -8.86
N TYR A 359 20.91 -17.93 -7.86
CA TYR A 359 19.93 -19.00 -7.81
C TYR A 359 19.10 -18.89 -6.54
N LYS A 360 17.78 -18.95 -6.69
CA LYS A 360 16.83 -18.79 -5.60
C LYS A 360 16.37 -20.16 -5.13
N LEU A 361 16.73 -20.54 -3.91
CA LEU A 361 16.39 -21.86 -3.41
C LEU A 361 14.90 -22.01 -3.29
N PRO A 362 14.38 -23.21 -3.53
CA PRO A 362 12.96 -23.36 -3.29
C PRO A 362 12.75 -23.13 -1.82
N LEU A 363 11.63 -22.55 -1.42
CA LEU A 363 11.44 -22.19 -0.01
C LEU A 363 11.54 -23.35 0.93
N SER A 364 11.04 -24.50 0.55
CA SER A 364 11.05 -25.61 1.46
C SER A 364 12.45 -26.00 1.87
N LYS A 365 13.39 -25.97 0.94
CA LYS A 365 14.74 -26.42 1.23
C LYS A 365 15.60 -25.59 2.17
N VAL A 366 15.26 -24.32 2.38
CA VAL A 366 16.13 -23.45 3.18
C VAL A 366 16.36 -23.89 4.62
N THR A 367 17.60 -23.82 5.10
CA THR A 367 17.94 -24.20 6.46
C THR A 367 18.94 -23.17 7.00
N TYR A 368 20.12 -23.07 6.40
CA TYR A 368 21.11 -22.04 6.71
C TYR A 368 22.13 -22.01 5.59
N PRO A 369 22.93 -20.95 5.45
CA PRO A 369 23.70 -20.78 4.19
C PRO A 369 24.62 -21.93 3.85
N GLU A 370 25.32 -22.50 4.83
CA GLU A 370 26.25 -23.59 4.51
C GLU A 370 25.50 -24.80 3.97
N ALA A 371 24.43 -25.21 4.65
CA ALA A 371 23.65 -26.34 4.18
C ALA A 371 22.97 -26.00 2.85
N ASN A 372 22.61 -24.74 2.65
CA ASN A 372 22.06 -24.32 1.38
C ASN A 372 23.05 -24.54 0.26
N ARG A 373 24.30 -24.12 0.46
CA ARG A 373 25.33 -24.31 -0.55
C ARG A 373 25.58 -25.79 -0.79
N ILE A 374 25.59 -26.59 0.28
CA ILE A 374 25.81 -28.02 0.14
C ILE A 374 24.68 -28.64 -0.68
N TYR A 375 23.44 -28.25 -0.40
CA TYR A 375 22.31 -28.74 -1.16
C TYR A 375 22.42 -28.37 -2.63
N TYR A 376 22.79 -27.12 -2.91
CA TYR A 376 22.89 -26.70 -4.31
C TYR A 376 23.98 -27.48 -5.03
N LEU A 377 25.12 -27.68 -4.37
CA LEU A 377 26.18 -28.46 -5.00
C LEU A 377 25.74 -29.89 -5.26
N SER A 378 25.00 -30.48 -4.31
CA SER A 378 24.48 -31.83 -4.53
C SER A 378 23.51 -31.88 -5.69
N GLN A 379 22.62 -30.88 -5.78
CA GLN A 379 21.61 -30.89 -6.84
C GLN A 379 22.23 -30.61 -8.20
N GLU A 380 23.38 -29.92 -8.24
CA GLU A 380 24.07 -29.72 -9.50
C GLU A 380 24.50 -31.05 -10.10
N ARG A 381 24.97 -31.97 -9.26
CA ARG A 381 25.35 -33.31 -9.72
C ARG A 381 24.10 -34.15 -9.98
N LYS B 51 28.90 -2.30 -36.86
CA LYS B 51 28.41 -1.35 -35.87
C LYS B 51 29.22 -1.44 -34.59
N SER B 52 29.81 -0.33 -34.18
CA SER B 52 30.57 -0.28 -32.95
C SER B 52 29.62 -0.50 -31.77
N PRO B 53 29.99 -1.35 -30.81
CA PRO B 53 29.09 -1.59 -29.66
C PRO B 53 28.74 -0.34 -28.89
N VAL B 54 29.65 0.63 -28.79
CA VAL B 54 29.32 1.87 -28.09
C VAL B 54 28.20 2.60 -28.81
N PHE B 55 28.20 2.56 -30.15
CA PHE B 55 27.11 3.15 -30.90
C PHE B 55 25.80 2.43 -30.62
N GLN B 56 25.85 1.11 -30.51
CA GLN B 56 24.65 0.35 -30.15
C GLN B 56 24.14 0.75 -28.79
N PHE B 57 25.04 0.93 -27.83
CA PHE B 57 24.61 1.30 -26.48
C PHE B 57 23.98 2.69 -26.48
N PHE B 58 24.54 3.61 -27.25
CA PHE B 58 23.93 4.94 -27.28
C PHE B 58 22.60 4.92 -28.03
N ASP B 59 22.44 4.04 -28.99
CA ASP B 59 21.11 3.84 -29.57
C ASP B 59 20.14 3.36 -28.50
N TRP B 60 20.60 2.45 -27.64
CA TRP B 60 19.75 1.97 -26.56
C TRP B 60 19.35 3.10 -25.62
N VAL B 61 20.30 3.96 -25.25
CA VAL B 61 19.98 5.03 -24.31
C VAL B 61 19.04 6.04 -24.96
N LEU B 62 19.19 6.29 -26.27
CA LEU B 62 18.24 7.18 -26.94
C LEU B 62 16.85 6.58 -27.01
N ARG B 63 16.75 5.27 -27.22
CA ARG B 63 15.43 4.66 -27.18
C ARG B 63 14.83 4.76 -25.79
N GLY B 64 15.66 4.57 -24.76
CA GLY B 64 15.17 4.70 -23.40
C GLY B 64 14.69 6.09 -23.05
N THR B 65 15.37 7.12 -23.54
CA THR B 65 14.96 8.46 -23.17
C THR B 65 13.66 8.89 -23.81
N SER B 66 13.13 8.13 -24.77
CA SER B 66 11.83 8.42 -25.36
C SER B 66 10.79 7.38 -24.98
N GLN B 67 11.19 6.25 -24.42
CA GLN B 67 10.18 5.27 -24.04
C GLN B 67 9.28 5.76 -22.92
N VAL B 68 9.60 6.88 -22.28
CA VAL B 68 8.70 7.45 -21.27
C VAL B 68 7.34 7.72 -21.89
N MET B 69 7.32 8.24 -23.12
CA MET B 69 6.11 8.48 -23.88
C MET B 69 5.62 7.25 -24.61
N PHE B 70 6.00 6.06 -24.16
CA PHE B 70 5.61 4.80 -24.78
C PHE B 70 6.04 4.72 -26.23
N VAL B 71 6.95 5.58 -26.66
CA VAL B 71 7.38 5.64 -28.05
C VAL B 71 8.80 5.12 -28.14
N ASN B 72 9.02 4.18 -29.06
CA ASN B 72 10.30 3.50 -29.25
C ASN B 72 10.86 3.96 -30.59
N ASN B 73 11.56 5.09 -30.58
CA ASN B 73 12.11 5.62 -31.82
C ASN B 73 13.28 6.54 -31.52
N PRO B 74 14.50 6.17 -31.91
CA PRO B 74 15.68 6.96 -31.51
C PRO B 74 15.63 8.40 -31.99
N LEU B 75 14.98 8.70 -33.10
CA LEU B 75 14.82 10.08 -33.52
C LEU B 75 13.98 10.87 -32.53
N SER B 76 12.89 10.27 -32.05
CA SER B 76 12.12 10.91 -30.99
C SER B 76 12.95 11.06 -29.73
N GLY B 77 13.82 10.08 -29.46
CA GLY B 77 14.72 10.22 -28.34
C GLY B 77 15.63 11.42 -28.44
N ILE B 78 16.23 11.62 -29.62
CA ILE B 78 17.15 12.74 -29.79
C ILE B 78 16.39 14.05 -29.72
N LEU B 79 15.16 14.08 -30.25
CA LEU B 79 14.36 15.29 -30.14
C LEU B 79 14.03 15.59 -28.68
N ILE B 80 13.72 14.57 -27.90
CA ILE B 80 13.40 14.78 -26.49
C ILE B 80 14.63 15.23 -25.73
N ILE B 81 15.79 14.68 -26.06
CA ILE B 81 17.04 15.14 -25.44
C ILE B 81 17.28 16.61 -25.77
N LEU B 82 17.03 16.99 -27.04
CA LEU B 82 17.16 18.38 -27.42
C LEU B 82 16.21 19.27 -26.62
N GLY B 83 14.97 18.82 -26.44
CA GLY B 83 14.03 19.59 -25.66
C GLY B 83 14.48 19.75 -24.21
N LEU B 84 15.00 18.68 -23.63
CA LEU B 84 15.52 18.76 -22.27
C LEU B 84 16.63 19.78 -22.19
N PHE B 85 17.55 19.78 -23.15
CA PHE B 85 18.63 20.75 -23.13
C PHE B 85 18.11 22.17 -23.36
N ILE B 86 17.02 22.31 -24.11
CA ILE B 86 16.42 23.63 -24.27
C ILE B 86 15.87 24.13 -22.94
N GLN B 87 15.19 23.26 -22.18
CA GLN B 87 14.64 23.64 -20.90
C GLN B 87 15.71 24.10 -19.93
N ASN B 88 16.56 23.18 -19.51
CA ASN B 88 17.64 23.52 -18.60
C ASN B 88 18.75 22.49 -18.76
N PRO B 89 19.93 22.90 -19.22
CA PRO B 89 20.99 21.92 -19.49
C PRO B 89 21.36 21.07 -18.29
N TRP B 90 21.26 21.62 -17.08
CA TRP B 90 21.58 20.84 -15.89
C TRP B 90 20.66 19.64 -15.76
N TRP B 91 19.35 19.86 -15.95
CA TRP B 91 18.42 18.74 -15.87
C TRP B 91 18.68 17.74 -16.98
N ALA B 92 19.04 18.21 -18.16
CA ALA B 92 19.32 17.29 -19.26
C ALA B 92 20.53 16.42 -18.93
N ILE B 93 21.58 17.02 -18.37
CA ILE B 93 22.76 16.25 -17.99
C ILE B 93 22.39 15.22 -16.93
N SER B 94 21.61 15.63 -15.93
CA SER B 94 21.21 14.72 -14.88
C SER B 94 20.39 13.57 -15.44
N GLY B 95 19.46 13.86 -16.34
CA GLY B 95 18.64 12.81 -16.91
C GLY B 95 19.43 11.85 -17.78
N CYS B 96 20.36 12.39 -18.58
CA CYS B 96 21.19 11.51 -19.39
C CYS B 96 22.05 10.61 -18.51
N LEU B 97 22.60 11.16 -17.42
CA LEU B 97 23.35 10.32 -16.50
C LEU B 97 22.47 9.25 -15.88
N GLY B 98 21.25 9.62 -15.51
CA GLY B 98 20.34 8.65 -14.94
C GLY B 98 20.05 7.51 -15.89
N THR B 99 19.77 7.84 -17.15
CA THR B 99 19.46 6.80 -18.14
C THR B 99 20.67 5.93 -18.40
N ILE B 100 21.84 6.55 -18.56
CA ILE B 100 23.05 5.78 -18.82
C ILE B 100 23.29 4.78 -17.71
N MET B 101 23.23 5.24 -16.46
CA MET B 101 23.51 4.32 -15.36
C MET B 101 22.40 3.28 -15.20
N SER B 102 21.15 3.64 -15.49
CA SER B 102 20.07 2.67 -15.37
C SER B 102 20.24 1.53 -16.37
N THR B 103 20.43 1.87 -17.64
CA THR B 103 20.60 0.80 -18.63
C THR B 103 21.91 0.05 -18.42
N LEU B 104 22.95 0.73 -17.92
CA LEU B 104 24.19 0.02 -17.62
C LEU B 104 23.98 -1.00 -16.52
N THR B 105 23.23 -0.63 -15.47
CA THR B 105 22.91 -1.58 -14.42
C THR B 105 22.07 -2.73 -14.95
N ALA B 106 21.16 -2.44 -15.87
CA ALA B 106 20.40 -3.52 -16.49
C ALA B 106 21.33 -4.49 -17.22
N LEU B 107 22.37 -3.97 -17.87
CA LEU B 107 23.37 -4.84 -18.47
C LEU B 107 24.07 -5.68 -17.41
N ILE B 108 24.56 -5.04 -16.35
CA ILE B 108 25.35 -5.74 -15.34
C ILE B 108 24.52 -6.84 -14.70
N LEU B 109 23.27 -6.55 -14.38
CA LEU B 109 22.41 -7.59 -13.82
C LEU B 109 22.05 -8.67 -14.82
N SER B 110 22.54 -8.59 -16.05
CA SER B 110 22.31 -9.61 -17.07
C SER B 110 20.81 -9.83 -17.28
N GLN B 111 20.12 -8.75 -17.60
CA GLN B 111 18.70 -8.80 -17.89
C GLN B 111 18.47 -9.38 -19.29
N ASP B 112 17.21 -9.44 -19.69
CA ASP B 112 16.88 -9.93 -21.03
C ASP B 112 17.36 -8.92 -22.07
N LYS B 113 18.28 -9.35 -22.92
CA LYS B 113 18.85 -8.43 -23.91
C LYS B 113 17.80 -7.94 -24.90
N SER B 114 16.67 -8.63 -25.00
CA SER B 114 15.64 -8.19 -25.94
C SER B 114 15.01 -6.88 -25.47
N ALA B 115 14.64 -6.80 -24.19
CA ALA B 115 14.03 -5.58 -23.67
C ALA B 115 15.06 -4.63 -23.09
N ILE B 116 16.13 -4.41 -23.84
CA ILE B 116 16.99 -3.26 -23.65
C ILE B 116 17.23 -2.49 -24.93
N ALA B 117 17.14 -3.14 -26.10
CA ALA B 117 17.14 -2.42 -27.35
C ALA B 117 15.83 -1.68 -27.57
N ALA B 118 14.81 -1.97 -26.76
CA ALA B 118 13.58 -1.20 -26.77
C ALA B 118 13.60 -0.07 -25.77
N GLY B 119 14.70 0.12 -25.04
CA GLY B 119 14.78 1.16 -24.05
C GLY B 119 14.03 0.87 -22.77
N PHE B 120 13.59 -0.37 -22.58
CA PHE B 120 12.72 -0.71 -21.45
C PHE B 120 13.39 -0.45 -20.10
N HIS B 121 14.71 -0.42 -20.03
CA HIS B 121 15.35 -0.18 -18.74
C HIS B 121 15.92 1.21 -18.60
N GLY B 122 15.90 2.02 -19.66
CA GLY B 122 16.41 3.37 -19.56
C GLY B 122 15.35 4.39 -19.21
N TYR B 123 14.09 4.13 -19.56
CA TYR B 123 13.08 5.15 -19.36
C TYR B 123 12.81 5.44 -17.89
N ASN B 124 13.13 4.51 -17.02
CA ASN B 124 13.03 4.76 -15.59
C ASN B 124 14.25 5.48 -15.04
N GLY B 125 15.25 5.75 -15.87
CA GLY B 125 16.43 6.45 -15.41
C GLY B 125 16.39 7.92 -15.72
N VAL B 126 15.90 8.25 -16.91
CA VAL B 126 15.77 9.66 -17.30
C VAL B 126 14.84 10.37 -16.33
N LEU B 127 13.75 9.73 -15.95
CA LEU B 127 12.83 10.36 -15.01
C LEU B 127 13.45 10.49 -13.63
N VAL B 128 14.20 9.49 -13.18
CA VAL B 128 14.86 9.61 -11.89
C VAL B 128 15.82 10.77 -11.89
N GLY B 129 16.64 10.90 -12.94
CA GLY B 129 17.57 12.01 -12.99
C GLY B 129 16.89 13.35 -13.04
N LEU B 130 15.89 13.47 -13.92
CA LEU B 130 15.21 14.75 -14.08
C LEU B 130 14.48 15.17 -12.83
N LEU B 131 13.82 14.23 -12.15
CA LEU B 131 13.08 14.58 -10.95
C LEU B 131 13.99 14.73 -9.75
N MET B 132 15.14 14.06 -9.74
CA MET B 132 16.11 14.31 -8.71
C MET B 132 16.69 15.72 -8.82
N ALA B 133 16.94 16.17 -10.05
CA ALA B 133 17.58 17.45 -10.28
C ALA B 133 16.61 18.61 -10.43
N VAL B 134 15.30 18.34 -10.53
CA VAL B 134 14.35 19.44 -10.52
C VAL B 134 13.90 19.76 -9.10
N PHE B 135 14.08 18.84 -8.17
CA PHE B 135 13.63 19.01 -6.80
C PHE B 135 14.75 19.33 -5.83
N SER B 136 15.97 19.52 -6.32
CA SER B 136 17.10 19.82 -5.47
C SER B 136 17.13 21.30 -5.18
N ASP B 137 17.14 21.65 -3.89
CA ASP B 137 17.10 23.05 -3.50
C ASP B 137 18.46 23.73 -3.65
N LYS B 138 19.54 22.96 -3.76
CA LYS B 138 20.87 23.56 -3.83
C LYS B 138 21.10 24.40 -5.09
N GLY B 139 20.26 24.25 -6.10
CA GLY B 139 20.34 25.06 -7.29
C GLY B 139 20.82 24.28 -8.50
N ASP B 140 21.34 25.02 -9.46
CA ASP B 140 21.82 24.43 -10.70
C ASP B 140 23.31 24.15 -10.61
N TYR B 141 23.72 23.05 -11.25
CA TYR B 141 25.12 22.64 -11.30
C TYR B 141 25.70 22.43 -9.90
N TYR B 142 24.87 21.90 -9.00
CA TYR B 142 25.35 21.37 -7.73
C TYR B 142 25.90 19.98 -8.03
N TRP B 143 27.19 19.93 -8.38
CA TRP B 143 27.75 18.72 -8.95
C TRP B 143 27.58 17.50 -8.05
N TRP B 144 27.57 17.70 -6.72
CA TRP B 144 27.45 16.56 -5.83
C TRP B 144 26.16 15.78 -6.08
N LEU B 145 25.13 16.43 -6.58
CA LEU B 145 23.88 15.74 -6.84
C LEU B 145 24.06 14.58 -7.80
N LEU B 146 25.10 14.61 -8.64
CA LEU B 146 25.30 13.52 -9.58
C LEU B 146 25.56 12.20 -8.86
N LEU B 147 26.01 12.24 -7.61
CA LEU B 147 26.32 11.00 -6.91
C LEU B 147 25.07 10.19 -6.58
N PRO B 148 24.10 10.69 -5.82
CA PRO B 148 22.90 9.87 -5.58
C PRO B 148 22.14 9.57 -6.86
N VAL B 149 22.16 10.48 -7.83
CA VAL B 149 21.53 10.21 -9.12
C VAL B 149 22.13 8.97 -9.74
N ILE B 150 23.41 8.70 -9.52
CA ILE B 150 23.98 7.43 -9.93
C ILE B 150 23.37 6.30 -9.14
N ILE B 151 23.41 6.39 -7.80
CA ILE B 151 23.01 5.25 -6.98
C ILE B 151 21.56 4.90 -7.24
N MET B 152 20.68 5.89 -7.20
CA MET B 152 19.27 5.61 -7.46
C MET B 152 19.06 5.12 -8.88
N SER B 153 19.86 5.58 -9.83
CA SER B 153 19.71 5.06 -11.19
C SER B 153 20.09 3.60 -11.27
N MET B 154 20.95 3.13 -10.36
CA MET B 154 21.30 1.72 -10.29
C MET B 154 20.22 0.91 -9.60
N SER B 155 19.18 1.56 -9.09
CA SER B 155 18.09 0.88 -8.41
C SER B 155 16.84 0.73 -9.25
N CYS B 156 16.86 1.24 -10.48
CA CYS B 156 15.67 1.14 -11.32
C CYS B 156 15.53 -0.23 -11.98
N PRO B 157 16.58 -0.82 -12.55
CA PRO B 157 16.42 -2.18 -13.08
C PRO B 157 15.93 -3.17 -12.04
N ILE B 158 16.53 -3.15 -10.85
CA ILE B 158 16.12 -4.04 -9.78
C ILE B 158 14.62 -3.95 -9.56
N LEU B 159 14.12 -2.76 -9.22
CA LEU B 159 12.69 -2.59 -9.07
C LEU B 159 11.95 -3.01 -10.32
N SER B 160 12.44 -2.60 -11.49
CA SER B 160 11.72 -2.93 -12.72
C SER B 160 11.68 -4.43 -12.93
N SER B 161 12.69 -5.16 -12.43
CA SER B 161 12.59 -6.61 -12.45
C SER B 161 11.56 -7.09 -11.46
N ALA B 162 11.64 -6.61 -10.22
CA ALA B 162 10.82 -7.17 -9.16
C ALA B 162 9.35 -6.97 -9.45
N LEU B 163 8.95 -5.73 -9.74
CA LEU B 163 7.56 -5.47 -10.08
C LEU B 163 7.13 -6.33 -11.26
N GLY B 164 8.02 -6.58 -12.21
CA GLY B 164 7.66 -7.43 -13.33
C GLY B 164 7.20 -8.79 -12.86
N THR B 165 7.95 -9.41 -11.95
CA THR B 165 7.56 -10.73 -11.46
C THR B 165 6.25 -10.66 -10.69
N ILE B 166 5.96 -9.52 -10.07
CA ILE B 166 4.67 -9.35 -9.40
C ILE B 166 3.56 -9.26 -10.43
N PHE B 167 3.81 -8.58 -11.54
CA PHE B 167 2.75 -8.31 -12.51
C PHE B 167 2.65 -9.38 -13.58
N SER B 168 3.62 -10.27 -13.69
CA SER B 168 3.59 -11.28 -14.74
C SER B 168 2.35 -12.13 -14.66
N LYS B 169 1.81 -12.34 -13.45
CA LYS B 169 0.61 -13.16 -13.31
C LYS B 169 -0.60 -12.57 -14.00
N TRP B 170 -0.58 -11.28 -14.32
CA TRP B 170 -1.74 -10.62 -14.91
C TRP B 170 -1.43 -9.99 -16.26
N ASP B 171 -0.32 -10.36 -16.89
CA ASP B 171 0.08 -9.83 -18.19
C ASP B 171 -0.03 -8.31 -18.19
N LEU B 172 0.48 -7.67 -17.14
CA LEU B 172 0.39 -6.19 -17.00
C LEU B 172 1.77 -5.57 -16.98
N PRO B 173 1.94 -4.42 -17.65
CA PRO B 173 3.26 -3.77 -17.72
C PRO B 173 3.70 -3.11 -16.42
N VAL B 174 5.00 -2.96 -16.17
CA VAL B 174 5.45 -2.38 -14.91
C VAL B 174 5.30 -0.88 -14.88
N PHE B 175 5.08 -0.26 -16.03
CA PHE B 175 4.83 1.17 -16.10
C PHE B 175 5.90 2.03 -15.49
N THR B 176 5.51 3.13 -14.86
CA THR B 176 6.51 4.05 -14.33
C THR B 176 6.61 3.88 -12.85
N LEU B 177 6.15 2.76 -12.33
CA LEU B 177 6.28 2.49 -10.91
C LEU B 177 7.71 2.44 -10.41
N PRO B 178 8.66 1.91 -11.20
CA PRO B 178 10.01 1.94 -10.64
C PRO B 178 10.53 3.33 -10.32
N PHE B 179 10.25 4.32 -11.15
CA PHE B 179 10.66 5.69 -10.86
C PHE B 179 9.99 6.19 -9.61
N ASN B 180 8.71 5.94 -9.46
CA ASN B 180 7.98 6.46 -8.31
C ASN B 180 8.65 5.97 -7.06
N ILE B 181 8.87 4.68 -6.94
CA ILE B 181 9.43 4.12 -5.73
C ILE B 181 10.79 4.74 -5.44
N THR B 182 11.64 4.84 -6.46
CA THR B 182 12.99 5.33 -6.24
C THR B 182 13.00 6.80 -5.87
N VAL B 183 12.25 7.63 -6.59
CA VAL B 183 12.27 9.05 -6.31
C VAL B 183 11.55 9.36 -4.99
N THR B 184 10.47 8.66 -4.69
CA THR B 184 9.86 8.83 -3.38
C THR B 184 10.84 8.43 -2.28
N LEU B 185 11.57 7.34 -2.48
CA LEU B 185 12.58 6.91 -1.52
C LEU B 185 13.62 8.00 -1.31
N TYR B 186 14.10 8.59 -2.39
CA TYR B 186 15.12 9.63 -2.27
C TYR B 186 14.57 10.88 -1.60
N LEU B 187 13.45 11.40 -2.11
CA LEU B 187 12.92 12.66 -1.61
C LEU B 187 12.41 12.55 -0.19
N ALA B 188 12.09 11.35 0.28
CA ALA B 188 11.75 11.17 1.68
C ALA B 188 12.97 10.87 2.53
N ALA B 189 13.98 10.22 1.96
CA ALA B 189 15.19 9.94 2.70
C ALA B 189 15.94 11.22 3.04
N THR B 190 15.97 12.16 2.10
CA THR B 190 16.68 13.42 2.32
C THR B 190 15.77 14.48 2.92
N GLY B 191 14.70 14.83 2.21
CA GLY B 191 13.78 15.84 2.69
C GLY B 191 14.30 17.24 2.47
N HIS B 192 13.49 18.21 2.91
CA HIS B 192 13.86 19.61 2.70
C HIS B 192 14.93 20.09 3.68
N TYR B 193 15.05 19.46 4.83
CA TYR B 193 15.99 19.90 5.84
C TYR B 193 17.29 19.13 5.83
N ASN B 194 17.50 18.24 4.87
CA ASN B 194 18.76 17.52 4.79
C ASN B 194 19.88 18.49 4.50
N LEU B 195 21.10 18.09 4.87
CA LEU B 195 22.22 19.02 4.83
C LEU B 195 23.08 18.84 3.59
N PHE B 196 23.06 17.67 2.96
CA PHE B 196 23.84 17.43 1.75
C PHE B 196 23.03 17.60 0.48
N PHE B 197 21.79 17.11 0.43
CA PHE B 197 20.95 17.18 -0.76
C PHE B 197 19.55 17.64 -0.42
N PRO B 198 19.40 18.89 0.00
CA PRO B 198 18.07 19.37 0.38
C PRO B 198 17.14 19.38 -0.81
N THR B 199 15.85 19.30 -0.52
CA THR B 199 14.82 19.29 -1.56
C THR B 199 13.86 20.46 -1.35
N THR B 200 13.21 20.87 -2.42
CA THR B 200 12.24 21.96 -2.33
C THR B 200 11.09 21.57 -1.41
N LEU B 201 10.55 22.56 -0.72
CA LEU B 201 9.55 22.31 0.31
C LEU B 201 8.16 22.20 -0.29
N LEU B 202 7.45 21.13 0.08
CA LEU B 202 6.06 20.94 -0.35
C LEU B 202 5.27 20.68 0.93
N GLN B 203 4.22 21.46 1.18
CA GLN B 203 3.43 21.33 2.39
C GLN B 203 1.95 21.41 2.03
N PRO B 204 1.09 20.77 2.81
CA PRO B 204 -0.33 20.73 2.46
C PRO B 204 -0.96 22.12 2.53
N ALA B 205 -2.04 22.27 1.77
CA ALA B 205 -2.80 23.52 1.81
C ALA B 205 -3.35 23.77 3.19
N SER B 206 -3.20 24.99 3.68
CA SER B 206 -3.66 25.36 5.01
C SER B 206 -4.71 26.45 4.98
N ALA B 207 -5.13 26.90 3.81
CA ALA B 207 -6.17 27.91 3.72
C ALA B 207 -6.88 27.77 2.38
N MET B 208 -8.09 28.28 2.34
CA MET B 208 -8.89 28.20 1.12
C MET B 208 -8.22 28.99 0.01
N PRO B 209 -7.98 28.40 -1.15
CA PRO B 209 -7.33 29.15 -2.24
C PRO B 209 -8.22 30.27 -2.72
N ASN B 210 -7.59 31.34 -3.20
CA ASN B 210 -8.30 32.51 -3.71
C ASN B 210 -8.29 32.43 -5.22
N ILE B 211 -9.34 31.86 -5.78
CA ILE B 211 -9.48 31.67 -7.22
C ILE B 211 -10.54 32.65 -7.73
N THR B 212 -10.13 33.54 -8.62
CA THR B 212 -11.03 34.49 -9.25
C THR B 212 -11.21 34.11 -10.71
N TRP B 213 -12.45 33.79 -11.10
CA TRP B 213 -12.68 33.33 -12.46
C TRP B 213 -12.76 34.48 -13.45
N SER B 214 -12.70 35.73 -12.98
CA SER B 214 -12.58 36.85 -13.91
C SER B 214 -11.20 36.89 -14.54
N GLU B 215 -10.17 36.49 -13.80
CA GLU B 215 -8.79 36.66 -14.21
C GLU B 215 -8.21 35.46 -14.96
N VAL B 216 -9.00 34.41 -15.17
CA VAL B 216 -8.50 33.27 -15.92
C VAL B 216 -8.02 33.73 -17.28
N GLN B 217 -6.80 33.37 -17.64
CA GLN B 217 -6.33 33.72 -18.95
C GLN B 217 -6.49 32.49 -19.80
N VAL B 218 -7.42 32.54 -20.74
CA VAL B 218 -7.64 31.42 -21.64
C VAL B 218 -6.45 31.11 -22.53
N PRO B 219 -5.75 32.15 -23.05
CA PRO B 219 -4.61 31.74 -23.86
C PRO B 219 -3.60 30.94 -23.06
N LEU B 220 -3.28 31.35 -21.84
CA LEU B 220 -2.37 30.58 -21.02
C LEU B 220 -2.99 29.25 -20.72
N LEU B 221 -4.29 29.23 -20.47
CA LEU B 221 -4.93 27.99 -20.10
C LEU B 221 -4.81 27.02 -21.25
N LEU B 222 -5.00 27.47 -22.48
CA LEU B 222 -4.84 26.61 -23.65
C LEU B 222 -3.41 26.14 -23.76
N ARG B 223 -2.48 27.01 -23.46
CA ARG B 223 -1.08 26.66 -23.56
C ARG B 223 -0.76 25.61 -22.53
N ALA B 224 -1.65 25.39 -21.57
CA ALA B 224 -1.41 24.32 -20.62
C ALA B 224 -1.40 22.93 -21.24
N ILE B 225 -1.71 22.79 -22.53
CA ILE B 225 -1.70 21.48 -23.18
C ILE B 225 -0.26 21.04 -23.49
N PRO B 226 0.52 21.80 -24.28
CA PRO B 226 1.92 21.35 -24.50
C PRO B 226 2.72 21.35 -23.22
N VAL B 227 2.44 22.29 -22.32
CA VAL B 227 3.11 22.28 -21.03
C VAL B 227 2.80 21.00 -20.28
N GLY B 228 1.54 20.58 -20.31
CA GLY B 228 1.18 19.32 -19.69
C GLY B 228 1.88 18.13 -20.33
N ILE B 229 2.11 18.18 -21.65
CA ILE B 229 2.86 17.12 -22.30
C ILE B 229 4.30 17.11 -21.81
N GLY B 230 4.91 18.29 -21.70
CA GLY B 230 6.30 18.35 -21.31
C GLY B 230 6.55 18.09 -19.84
N GLN B 231 5.55 18.30 -19.00
CA GLN B 231 5.74 18.16 -17.56
C GLN B 231 5.98 16.72 -17.15
N VAL B 232 5.75 15.77 -18.05
CA VAL B 232 6.10 14.38 -17.74
C VAL B 232 7.58 14.27 -17.40
N TYR B 233 8.42 14.96 -18.18
CA TYR B 233 9.86 14.97 -17.93
C TYR B 233 10.27 16.02 -16.91
N GLY B 234 9.32 16.75 -16.34
CA GLY B 234 9.63 17.80 -15.39
C GLY B 234 9.77 19.16 -16.03
N CYS B 235 9.82 19.22 -17.36
CA CYS B 235 10.04 20.47 -18.07
C CYS B 235 8.71 21.20 -18.29
N ASP B 236 8.72 22.51 -18.06
CA ASP B 236 7.50 23.31 -18.16
C ASP B 236 7.52 24.33 -19.30
N ASN B 237 8.67 24.58 -19.92
CA ASN B 237 8.72 25.54 -21.01
C ASN B 237 7.77 25.10 -22.11
N PRO B 238 6.93 25.99 -22.63
CA PRO B 238 6.06 25.59 -23.75
C PRO B 238 6.83 25.11 -24.96
N TRP B 239 8.03 25.63 -25.19
CA TRP B 239 8.81 25.21 -26.35
C TRP B 239 9.21 23.74 -26.23
N THR B 240 9.59 23.30 -25.04
CA THR B 240 9.90 21.87 -24.90
C THR B 240 8.64 21.02 -25.01
N GLY B 241 7.49 21.57 -24.63
CA GLY B 241 6.25 20.84 -24.86
C GLY B 241 5.98 20.66 -26.35
N GLY B 242 6.18 21.71 -27.13
CA GLY B 242 6.04 21.59 -28.57
C GLY B 242 7.03 20.59 -29.15
N ILE B 243 8.27 20.63 -28.66
CA ILE B 243 9.26 19.66 -29.11
C ILE B 243 8.79 18.24 -28.83
N PHE B 244 8.23 18.02 -27.64
CA PHE B 244 7.75 16.69 -27.29
C PHE B 244 6.59 16.26 -28.17
N LEU B 245 5.65 17.17 -28.41
CA LEU B 245 4.52 16.83 -29.28
C LEU B 245 5.00 16.46 -30.67
N ILE B 246 5.94 17.21 -31.21
CA ILE B 246 6.51 16.88 -32.51
C ILE B 246 7.23 15.53 -32.46
N ALA B 247 7.99 15.30 -31.39
CA ALA B 247 8.75 14.06 -31.28
C ALA B 247 7.84 12.85 -31.25
N LEU B 248 6.69 12.97 -30.59
CA LEU B 248 5.73 11.88 -30.63
C LEU B 248 5.10 11.75 -32.01
N PHE B 249 4.75 12.89 -32.61
CA PHE B 249 4.05 12.84 -33.89
C PHE B 249 4.92 12.29 -35.01
N ILE B 250 6.24 12.35 -34.85
CA ILE B 250 7.11 11.75 -35.86
C ILE B 250 6.87 10.25 -35.96
N SER B 251 6.76 9.57 -34.82
CA SER B 251 6.65 8.11 -34.84
C SER B 251 5.25 7.66 -35.17
N SER B 252 4.29 8.01 -34.32
CA SER B 252 2.91 7.56 -34.49
C SER B 252 1.95 8.68 -34.14
N PRO B 253 1.09 9.09 -35.07
CA PRO B 253 0.17 10.19 -34.77
C PRO B 253 -0.78 9.91 -33.62
N LEU B 254 -1.20 8.66 -33.42
CA LEU B 254 -2.20 8.38 -32.38
C LEU B 254 -1.66 8.69 -30.98
N ILE B 255 -0.38 8.40 -30.74
CA ILE B 255 0.19 8.74 -29.44
C ILE B 255 0.17 10.25 -29.22
N CYS B 256 0.50 11.01 -30.26
CA CYS B 256 0.44 12.47 -30.12
C CYS B 256 -0.99 12.93 -29.85
N LEU B 257 -1.95 12.37 -30.58
CA LEU B 257 -3.34 12.78 -30.39
C LEU B 257 -3.81 12.47 -28.98
N HIS B 258 -3.51 11.26 -28.50
CA HIS B 258 -3.95 10.89 -27.17
C HIS B 258 -3.21 11.66 -26.10
N ALA B 259 -1.96 12.06 -26.36
CA ALA B 259 -1.25 12.90 -25.41
C ALA B 259 -1.91 14.27 -25.31
N ALA B 260 -2.24 14.88 -26.45
CA ALA B 260 -2.91 16.16 -26.41
C ALA B 260 -4.27 16.05 -25.71
N ILE B 261 -5.03 15.00 -26.04
CA ILE B 261 -6.33 14.81 -25.42
C ILE B 261 -6.19 14.59 -23.92
N GLY B 262 -5.19 13.82 -23.50
CA GLY B 262 -5.01 13.58 -22.08
C GLY B 262 -4.62 14.82 -21.31
N SER B 263 -3.69 15.60 -21.86
CA SER B 263 -3.31 16.85 -21.19
C SER B 263 -4.51 17.78 -21.09
N THR B 264 -5.28 17.91 -22.17
CA THR B 264 -6.48 18.72 -22.12
C THR B 264 -7.46 18.17 -21.10
N MET B 265 -7.57 16.84 -21.02
CA MET B 265 -8.63 16.27 -20.20
C MET B 265 -8.30 16.47 -18.74
N GLY B 266 -7.02 16.33 -18.39
CA GLY B 266 -6.59 16.68 -17.04
C GLY B 266 -6.72 18.16 -16.73
N MET B 267 -6.37 19.01 -17.70
CA MET B 267 -6.53 20.44 -17.50
C MET B 267 -7.97 20.72 -17.11
N LEU B 268 -8.91 20.09 -17.80
CA LEU B 268 -10.31 20.31 -17.50
C LEU B 268 -10.71 19.72 -16.16
N ALA B 269 -10.21 18.52 -15.86
CA ALA B 269 -10.57 17.86 -14.62
C ALA B 269 -10.11 18.63 -13.41
N ALA B 270 -9.02 19.36 -13.50
CA ALA B 270 -8.58 20.20 -12.39
C ALA B 270 -9.23 21.58 -12.38
N LEU B 271 -9.98 21.94 -13.42
CA LEU B 271 -10.81 23.14 -13.35
C LEU B 271 -12.16 22.87 -12.71
N THR B 272 -12.53 21.60 -12.51
CA THR B 272 -13.80 21.28 -11.88
C THR B 272 -13.70 21.25 -10.36
N ILE B 273 -12.56 20.88 -9.82
CA ILE B 273 -12.37 20.85 -8.37
C ILE B 273 -11.68 22.14 -7.90
N ALA B 274 -11.59 23.15 -8.76
CA ALA B 274 -11.11 24.47 -8.39
C ALA B 274 -9.67 24.42 -7.88
N THR B 275 -8.77 23.92 -8.73
CA THR B 275 -7.36 23.99 -8.41
C THR B 275 -6.85 25.39 -8.66
N PRO B 276 -5.84 25.84 -7.92
CA PRO B 276 -5.28 27.16 -8.17
C PRO B 276 -4.73 27.25 -9.59
N PHE B 277 -4.94 28.41 -10.22
CA PHE B 277 -4.63 28.56 -11.63
C PHE B 277 -3.14 28.43 -11.93
N ASP B 278 -2.28 28.72 -10.95
CA ASP B 278 -0.85 28.64 -11.19
C ASP B 278 -0.45 27.23 -11.59
N SER B 279 -1.00 26.22 -10.91
CA SER B 279 -0.73 24.84 -11.28
C SER B 279 -1.26 24.52 -12.66
N ILE B 280 -2.41 25.08 -13.03
CA ILE B 280 -2.97 24.80 -14.34
C ILE B 280 -2.06 25.32 -15.44
N TYR B 281 -1.66 26.60 -15.35
CA TYR B 281 -0.75 27.15 -16.35
C TYR B 281 0.59 26.42 -16.33
N PHE B 282 1.09 26.11 -15.14
CA PHE B 282 2.42 25.55 -14.99
C PHE B 282 2.49 24.10 -15.46
N GLY B 283 1.35 23.45 -15.64
CA GLY B 283 1.29 22.10 -16.19
C GLY B 283 1.25 20.99 -15.18
N LEU B 284 1.10 21.29 -13.88
CA LEU B 284 1.19 20.25 -12.87
C LEU B 284 0.00 19.31 -12.91
N CYS B 285 -1.08 19.67 -13.60
CA CYS B 285 -2.30 18.88 -13.59
C CYS B 285 -2.49 18.10 -14.89
N GLY B 286 -1.43 17.90 -15.66
CA GLY B 286 -1.60 17.31 -16.97
C GLY B 286 -0.51 16.37 -17.42
N PHE B 287 0.30 15.86 -16.51
CA PHE B 287 1.27 14.85 -16.89
C PHE B 287 0.83 13.45 -16.53
N ASN B 288 0.12 13.27 -15.43
CA ASN B 288 -0.52 11.99 -15.17
C ASN B 288 -1.58 11.71 -16.23
N SER B 289 -2.36 12.73 -16.57
CA SER B 289 -3.46 12.53 -17.51
C SER B 289 -2.95 12.12 -18.88
N THR B 290 -1.91 12.80 -19.38
CA THR B 290 -1.41 12.48 -20.71
C THR B 290 -0.80 11.08 -20.75
N LEU B 291 -0.04 10.71 -19.73
CA LEU B 291 0.54 9.38 -19.70
C LEU B 291 -0.55 8.31 -19.68
N ALA B 292 -1.56 8.51 -18.84
CA ALA B 292 -2.65 7.54 -18.77
C ALA B 292 -3.38 7.45 -20.09
N CYS B 293 -3.65 8.60 -20.72
CA CYS B 293 -4.36 8.58 -21.98
C CYS B 293 -3.56 7.85 -23.05
N ILE B 294 -2.25 8.07 -23.10
CA ILE B 294 -1.45 7.36 -24.09
C ILE B 294 -1.46 5.87 -23.81
N ALA B 295 -1.30 5.48 -22.54
CA ALA B 295 -1.17 4.07 -22.21
C ALA B 295 -2.47 3.31 -22.51
N ILE B 296 -3.61 3.90 -22.19
CA ILE B 296 -4.86 3.18 -22.36
C ILE B 296 -5.44 3.34 -23.77
N GLY B 297 -5.17 4.46 -24.44
CA GLY B 297 -5.85 4.75 -25.67
C GLY B 297 -5.59 3.77 -26.78
N GLY B 298 -4.36 3.74 -27.29
CA GLY B 298 -4.12 2.92 -28.46
C GLY B 298 -2.99 1.94 -28.30
N MET B 299 -2.28 1.96 -27.18
CA MET B 299 -1.14 1.07 -27.08
C MET B 299 -1.49 -0.26 -26.42
N PHE B 300 -1.95 -0.24 -25.17
CA PHE B 300 -2.23 -1.50 -24.50
C PHE B 300 -3.61 -2.04 -24.84
N TYR B 301 -4.46 -1.21 -25.42
CA TYR B 301 -5.73 -1.63 -25.99
C TYR B 301 -5.71 -1.32 -27.48
N VAL B 302 -6.21 -2.25 -28.28
CA VAL B 302 -6.34 -1.98 -29.71
C VAL B 302 -7.21 -0.75 -29.87
N ILE B 303 -6.71 0.24 -30.61
CA ILE B 303 -7.44 1.50 -30.73
C ILE B 303 -8.81 1.28 -31.35
N THR B 304 -9.83 1.79 -30.68
CA THR B 304 -11.20 1.77 -31.18
C THR B 304 -11.92 2.88 -30.45
N TRP B 305 -13.08 3.29 -30.98
CA TRP B 305 -13.84 4.37 -30.35
C TRP B 305 -14.22 4.00 -28.92
N GLN B 306 -14.57 2.73 -28.68
CA GLN B 306 -14.79 2.28 -27.31
C GLN B 306 -13.55 2.48 -26.45
N THR B 307 -12.40 2.03 -26.95
CA THR B 307 -11.16 2.24 -26.20
C THR B 307 -10.84 3.72 -26.08
N HIS B 308 -11.26 4.53 -27.06
CA HIS B 308 -11.01 5.97 -26.96
C HIS B 308 -11.77 6.58 -25.81
N LEU B 309 -13.06 6.25 -25.68
CA LEU B 309 -13.81 6.73 -24.53
C LEU B 309 -13.24 6.17 -23.23
N LEU B 310 -12.78 4.92 -23.26
CA LEU B 310 -12.15 4.36 -22.07
C LEU B 310 -10.91 5.15 -21.69
N ALA B 311 -10.12 5.55 -22.69
CA ALA B 311 -8.91 6.32 -22.42
C ALA B 311 -9.23 7.69 -21.86
N ILE B 312 -10.26 8.35 -22.38
CA ILE B 312 -10.64 9.65 -21.84
C ILE B 312 -11.12 9.50 -20.40
N ALA B 313 -11.90 8.46 -20.12
CA ALA B 313 -12.31 8.20 -18.75
C ALA B 313 -11.10 7.93 -17.86
N CYS B 314 -10.10 7.23 -18.39
CA CYS B 314 -8.89 6.98 -17.62
C CYS B 314 -8.13 8.26 -17.35
N ALA B 315 -8.15 9.19 -18.30
CA ALA B 315 -7.53 10.49 -18.07
C ALA B 315 -8.25 11.23 -16.95
N LEU B 316 -9.58 11.15 -16.93
CA LEU B 316 -10.34 11.76 -15.85
C LEU B 316 -9.96 11.17 -14.50
N PHE B 317 -9.99 9.83 -14.41
CA PHE B 317 -9.67 9.17 -13.16
C PHE B 317 -8.25 9.47 -12.73
N ALA B 318 -7.33 9.49 -13.68
CA ALA B 318 -5.92 9.77 -13.36
C ALA B 318 -5.74 11.20 -12.88
N ALA B 319 -6.44 12.17 -13.47
CA ALA B 319 -6.29 13.55 -13.04
C ALA B 319 -6.86 13.75 -11.64
N TYR B 320 -8.04 13.19 -11.38
CA TYR B 320 -8.61 13.33 -10.04
C TYR B 320 -7.75 12.62 -9.01
N LEU B 321 -7.25 11.43 -9.34
CA LEU B 321 -6.35 10.73 -8.46
C LEU B 321 -5.05 11.51 -8.28
N GLY B 322 -4.63 12.25 -9.30
CA GLY B 322 -3.45 13.08 -9.16
C GLY B 322 -3.66 14.20 -8.16
N ALA B 323 -4.81 14.85 -8.22
CA ALA B 323 -5.14 15.85 -7.21
C ALA B 323 -5.16 15.23 -5.82
N ALA B 324 -5.76 14.05 -5.70
CA ALA B 324 -5.85 13.39 -4.40
C ALA B 324 -4.47 13.09 -3.84
N LEU B 325 -3.64 12.42 -4.63
CA LEU B 325 -2.32 12.05 -4.14
C LEU B 325 -1.45 13.27 -3.90
N ALA B 326 -1.64 14.34 -4.66
CA ALA B 326 -0.88 15.55 -4.41
C ALA B 326 -1.28 16.20 -3.09
N ASN B 327 -2.57 16.14 -2.73
CA ASN B 327 -2.93 16.64 -1.41
C ASN B 327 -2.50 15.69 -0.29
N MET B 328 -2.43 14.40 -0.57
CA MET B 328 -2.02 13.44 0.44
C MET B 328 -0.50 13.36 0.58
N LEU B 329 0.21 13.12 -0.52
CA LEU B 329 1.66 12.98 -0.46
C LEU B 329 2.37 14.27 -0.09
N SER B 330 1.69 15.41 -0.14
CA SER B 330 2.34 16.63 0.31
C SER B 330 2.44 16.72 1.82
N VAL B 331 1.78 15.83 2.55
CA VAL B 331 1.94 15.81 4.00
C VAL B 331 3.36 15.44 4.37
N PHE B 332 3.93 14.43 3.70
CA PHE B 332 5.30 14.06 3.96
C PHE B 332 6.30 15.03 3.35
N GLY B 333 5.85 15.88 2.43
CA GLY B 333 6.76 16.70 1.65
C GLY B 333 7.09 16.13 0.29
N LEU B 334 6.48 15.01 -0.09
CA LEU B 334 6.72 14.34 -1.35
C LEU B 334 5.84 14.94 -2.45
N PRO B 335 6.26 14.86 -3.70
CA PRO B 335 5.41 15.29 -4.80
C PRO B 335 4.68 14.10 -5.39
N PRO B 336 3.64 14.35 -6.19
CA PRO B 336 2.95 13.24 -6.87
C PRO B 336 3.70 12.83 -8.14
N CYS B 337 4.76 12.07 -7.96
CA CYS B 337 5.68 11.76 -9.06
C CYS B 337 5.16 10.55 -9.81
N THR B 338 4.22 10.78 -10.74
CA THR B 338 3.73 9.77 -11.66
C THR B 338 3.28 8.52 -10.91
N TRP B 339 2.71 8.71 -9.73
CA TRP B 339 1.94 7.67 -9.06
C TRP B 339 0.54 7.58 -9.66
N PRO B 340 -0.17 8.71 -9.85
CA PRO B 340 -1.55 8.62 -10.32
C PRO B 340 -1.69 7.94 -11.65
N PHE B 341 -0.79 8.22 -12.58
CA PHE B 341 -0.84 7.54 -13.86
C PHE B 341 -0.70 6.04 -13.68
N CYS B 342 0.26 5.60 -12.87
CA CYS B 342 0.47 4.17 -12.67
C CYS B 342 -0.77 3.53 -12.10
N LEU B 343 -1.34 4.12 -11.05
CA LEU B 343 -2.51 3.52 -10.41
C LEU B 343 -3.70 3.46 -11.36
N SER B 344 -3.96 4.55 -12.08
CA SER B 344 -5.12 4.57 -12.95
C SER B 344 -4.95 3.64 -14.14
N ALA B 345 -3.76 3.62 -14.74
CA ALA B 345 -3.54 2.72 -15.86
C ALA B 345 -3.65 1.26 -15.44
N LEU B 346 -3.11 0.92 -14.26
CA LEU B 346 -3.25 -0.44 -13.79
C LEU B 346 -4.72 -0.79 -13.56
N THR B 347 -5.46 0.07 -12.88
CA THR B 347 -6.85 -0.27 -12.65
C THR B 347 -7.71 -0.19 -13.91
N PHE B 348 -7.18 0.37 -15.00
CA PHE B 348 -7.91 0.36 -16.25
C PHE B 348 -7.48 -0.75 -17.18
N LEU B 349 -6.33 -1.37 -16.94
CA LEU B 349 -5.93 -2.54 -17.71
C LEU B 349 -6.40 -3.84 -17.07
N LEU B 350 -6.43 -3.90 -15.75
CA LEU B 350 -7.00 -5.07 -15.09
C LEU B 350 -8.50 -5.15 -15.28
N LEU B 351 -9.11 -4.06 -15.73
CA LEU B 351 -10.56 -4.02 -15.93
C LEU B 351 -10.99 -5.06 -16.96
N THR B 352 -12.06 -5.78 -16.63
CA THR B 352 -12.55 -6.87 -17.47
C THR B 352 -13.91 -6.52 -18.04
N THR B 353 -14.09 -6.74 -19.34
CA THR B 353 -15.33 -6.44 -20.04
C THR B 353 -15.78 -7.65 -20.83
N ASN B 354 -17.01 -7.57 -21.34
CA ASN B 354 -17.54 -8.60 -22.21
C ASN B 354 -17.48 -8.25 -23.67
N ASN B 355 -17.74 -7.00 -24.04
CA ASN B 355 -17.82 -6.64 -25.45
C ASN B 355 -16.49 -6.86 -26.14
N PRO B 356 -16.49 -7.39 -27.36
CA PRO B 356 -15.23 -7.76 -28.01
C PRO B 356 -14.39 -6.57 -28.46
N ALA B 357 -14.96 -5.37 -28.49
CA ALA B 357 -14.19 -4.21 -28.93
C ALA B 357 -13.05 -3.91 -27.97
N ILE B 358 -13.30 -4.03 -26.66
CA ILE B 358 -12.30 -3.73 -25.66
C ILE B 358 -11.39 -4.95 -25.57
N TYR B 359 -10.26 -4.91 -26.28
CA TYR B 359 -9.35 -6.04 -26.36
C TYR B 359 -7.97 -5.65 -25.85
N LYS B 360 -7.43 -6.46 -24.95
CA LYS B 360 -6.14 -6.20 -24.31
C LYS B 360 -5.06 -7.01 -25.00
N LEU B 361 -4.14 -6.32 -25.68
CA LEU B 361 -3.11 -7.02 -26.43
C LEU B 361 -2.21 -7.80 -25.52
N PRO B 362 -1.73 -8.95 -25.98
CA PRO B 362 -0.78 -9.64 -25.12
C PRO B 362 0.42 -8.73 -24.99
N LEU B 363 1.08 -8.72 -23.85
CA LEU B 363 2.16 -7.75 -23.63
C LEU B 363 3.27 -7.85 -24.64
N SER B 364 3.62 -9.05 -25.05
CA SER B 364 4.74 -9.19 -25.95
C SER B 364 4.50 -8.46 -27.25
N LYS B 365 3.29 -8.51 -27.77
CA LYS B 365 3.00 -7.91 -29.08
C LYS B 365 3.03 -6.39 -29.20
N VAL B 366 2.93 -5.67 -28.10
CA VAL B 366 2.82 -4.21 -28.18
C VAL B 366 4.01 -3.50 -28.83
N THR B 367 3.74 -2.53 -29.70
CA THR B 367 4.80 -1.77 -30.39
C THR B 367 4.37 -0.31 -30.42
N TYR B 368 3.28 0.02 -31.10
CA TYR B 368 2.66 1.34 -31.10
C TYR B 368 1.25 1.21 -31.66
N PRO B 369 0.37 2.19 -31.44
CA PRO B 369 -1.06 1.95 -31.71
C PRO B 369 -1.39 1.52 -33.13
N GLU B 370 -0.76 2.11 -34.14
CA GLU B 370 -1.09 1.73 -35.51
C GLU B 370 -0.72 0.28 -35.78
N ALA B 371 0.50 -0.12 -35.41
CA ALA B 371 0.90 -1.50 -35.59
C ALA B 371 0.07 -2.43 -34.73
N ASN B 372 -0.35 -1.96 -33.56
CA ASN B 372 -1.24 -2.75 -32.72
C ASN B 372 -2.55 -3.04 -33.43
N ARG B 373 -3.14 -2.01 -34.03
CA ARG B 373 -4.39 -2.20 -34.76
C ARG B 373 -4.19 -3.12 -35.95
N ILE B 374 -3.06 -2.96 -36.65
CA ILE B 374 -2.78 -3.82 -37.79
C ILE B 374 -2.65 -5.27 -37.35
N TYR B 375 -1.95 -5.51 -36.24
CA TYR B 375 -1.82 -6.85 -35.70
C TYR B 375 -3.18 -7.44 -35.33
N TYR B 376 -4.02 -6.65 -34.68
CA TYR B 376 -5.33 -7.16 -34.29
C TYR B 376 -6.16 -7.52 -35.51
N LEU B 377 -6.14 -6.66 -36.53
CA LEU B 377 -6.89 -6.96 -37.74
C LEU B 377 -6.37 -8.23 -38.40
N SER B 378 -5.04 -8.40 -38.42
CA SER B 378 -4.48 -9.62 -38.99
C SER B 378 -4.92 -10.85 -38.19
N GLN B 379 -4.89 -10.76 -36.87
CA GLN B 379 -5.24 -11.91 -36.04
C GLN B 379 -6.72 -12.23 -36.10
N GLU B 380 -7.56 -11.23 -36.41
CA GLU B 380 -8.97 -11.51 -36.60
C GLU B 380 -9.19 -12.46 -37.77
N ARG B 381 -8.43 -12.28 -38.84
CA ARG B 381 -8.51 -13.18 -39.99
C ARG B 381 -7.81 -14.50 -39.70
N LYS C 51 -42.75 -8.37 -17.36
CA LYS C 51 -42.05 -7.45 -16.47
C LYS C 51 -41.39 -6.32 -17.25
N SER C 52 -41.77 -5.09 -16.93
CA SER C 52 -41.17 -3.94 -17.58
C SER C 52 -39.68 -3.86 -17.21
N PRO C 53 -38.79 -3.62 -18.19
CA PRO C 53 -37.36 -3.56 -17.86
C PRO C 53 -37.01 -2.50 -16.83
N VAL C 54 -37.72 -1.38 -16.80
CA VAL C 54 -37.44 -0.37 -15.77
C VAL C 54 -37.72 -0.93 -14.40
N PHE C 55 -38.77 -1.75 -14.26
CA PHE C 55 -39.05 -2.41 -12.99
C PHE C 55 -37.91 -3.35 -12.62
N GLN C 56 -37.39 -4.08 -13.60
CA GLN C 56 -36.25 -4.95 -13.34
C GLN C 56 -35.05 -4.15 -12.85
N PHE C 57 -34.79 -3.02 -13.49
CA PHE C 57 -33.64 -2.21 -13.08
C PHE C 57 -33.82 -1.67 -11.67
N PHE C 58 -35.03 -1.27 -11.31
CA PHE C 58 -35.23 -0.79 -9.94
C PHE C 58 -35.16 -1.93 -8.94
N ASP C 59 -35.54 -3.14 -9.34
CA ASP C 59 -35.27 -4.28 -8.47
C ASP C 59 -33.77 -4.45 -8.27
N TRP C 60 -32.99 -4.26 -9.32
CA TRP C 60 -31.54 -4.34 -9.20
C TRP C 60 -31.00 -3.30 -8.24
N VAL C 61 -31.48 -2.07 -8.35
CA VAL C 61 -30.95 -1.02 -7.48
C VAL C 61 -31.36 -1.26 -6.03
N LEU C 62 -32.55 -1.80 -5.80
CA LEU C 62 -32.93 -2.14 -4.43
C LEU C 62 -32.09 -3.29 -3.87
N ARG C 63 -31.76 -4.27 -4.70
CA ARG C 63 -30.85 -5.31 -4.21
C ARG C 63 -29.49 -4.73 -3.89
N GLY C 64 -29.01 -3.80 -4.72
CA GLY C 64 -27.73 -3.16 -4.47
C GLY C 64 -27.71 -2.36 -3.18
N THR C 65 -28.80 -1.65 -2.88
CA THR C 65 -28.78 -0.82 -1.69
C THR C 65 -28.79 -1.62 -0.40
N SER C 66 -29.03 -2.92 -0.45
CA SER C 66 -28.95 -3.77 0.73
C SER C 66 -27.78 -4.72 0.68
N GLN C 67 -27.13 -4.88 -0.46
CA GLN C 67 -25.98 -5.78 -0.49
C GLN C 67 -24.82 -5.28 0.34
N VAL C 68 -24.87 -4.04 0.83
CA VAL C 68 -23.83 -3.56 1.75
C VAL C 68 -23.74 -4.47 2.96
N MET C 69 -24.89 -4.88 3.49
CA MET C 69 -24.99 -5.82 4.60
C MET C 69 -24.90 -7.26 4.16
N PHE C 70 -24.29 -7.52 3.00
CA PHE C 70 -24.16 -8.87 2.47
C PHE C 70 -25.49 -9.56 2.29
N VAL C 71 -26.59 -8.82 2.32
CA VAL C 71 -27.92 -9.38 2.21
C VAL C 71 -28.53 -9.01 0.86
N ASN C 72 -29.02 -10.03 0.16
CA ASN C 72 -29.56 -9.91 -1.18
C ASN C 72 -31.07 -10.12 -1.09
N ASN C 73 -31.81 -9.06 -0.79
CA ASN C 73 -33.25 -9.19 -0.65
C ASN C 73 -33.91 -7.83 -0.86
N PRO C 74 -34.70 -7.66 -1.92
CA PRO C 74 -35.24 -6.33 -2.23
C PRO C 74 -36.10 -5.74 -1.13
N LEU C 75 -36.77 -6.57 -0.33
CA LEU C 75 -37.52 -6.04 0.80
C LEU C 75 -36.57 -5.40 1.83
N SER C 76 -35.45 -6.06 2.11
CA SER C 76 -34.46 -5.42 2.97
C SER C 76 -33.92 -4.15 2.34
N GLY C 77 -33.79 -4.15 1.02
CA GLY C 77 -33.38 -2.94 0.34
C GLY C 77 -34.35 -1.79 0.56
N ILE C 78 -35.65 -2.05 0.42
CA ILE C 78 -36.63 -0.98 0.59
C ILE C 78 -36.66 -0.53 2.04
N LEU C 79 -36.49 -1.46 2.98
CA LEU C 79 -36.43 -1.07 4.38
C LEU C 79 -35.22 -0.18 4.65
N ILE C 80 -34.07 -0.51 4.05
CA ILE C 80 -32.88 0.29 4.26
C ILE C 80 -33.04 1.66 3.62
N ILE C 81 -33.68 1.73 2.46
CA ILE C 81 -33.96 3.02 1.85
C ILE C 81 -34.86 3.85 2.75
N LEU C 82 -35.87 3.21 3.34
CA LEU C 82 -36.73 3.91 4.28
C LEU C 82 -35.95 4.43 5.47
N GLY C 83 -35.04 3.62 6.00
CA GLY C 83 -34.22 4.07 7.11
C GLY C 83 -33.35 5.26 6.73
N LEU C 84 -32.75 5.22 5.53
CA LEU C 84 -31.97 6.34 5.06
C LEU C 84 -32.81 7.60 5.01
N PHE C 85 -34.03 7.50 4.47
CA PHE C 85 -34.89 8.67 4.39
C PHE C 85 -35.31 9.15 5.78
N ILE C 86 -35.42 8.22 6.74
CA ILE C 86 -35.71 8.63 8.11
C ILE C 86 -34.56 9.44 8.68
N GLN C 87 -33.33 9.00 8.45
CA GLN C 87 -32.16 9.71 8.96
C GLN C 87 -32.08 11.12 8.41
N ASN C 88 -31.84 11.24 7.12
CA ASN C 88 -31.77 12.56 6.49
C ASN C 88 -32.08 12.40 5.01
N PRO C 89 -33.17 13.00 4.53
CA PRO C 89 -33.57 12.77 3.13
C PRO C 89 -32.49 13.16 2.13
N TRP C 90 -31.68 14.16 2.44
CA TRP C 90 -30.61 14.55 1.53
C TRP C 90 -29.63 13.41 1.31
N TRP C 91 -29.21 12.75 2.40
CA TRP C 91 -28.30 11.64 2.25
C TRP C 91 -28.95 10.49 1.49
N ALA C 92 -30.24 10.26 1.73
CA ALA C 92 -30.92 9.19 1.00
C ALA C 92 -30.96 9.47 -0.49
N ILE C 93 -31.24 10.73 -0.87
CA ILE C 93 -31.25 11.09 -2.29
C ILE C 93 -29.86 10.89 -2.88
N SER C 94 -28.83 11.33 -2.16
CA SER C 94 -27.47 11.19 -2.66
C SER C 94 -27.10 9.73 -2.83
N GLY C 95 -27.46 8.89 -1.86
CA GLY C 95 -27.14 7.47 -1.96
C GLY C 95 -27.89 6.78 -3.09
N CYS C 96 -29.16 7.12 -3.26
CA CYS C 96 -29.91 6.53 -4.37
C CYS C 96 -29.32 6.95 -5.70
N LEU C 97 -28.91 8.21 -5.83
CA LEU C 97 -28.26 8.63 -7.06
C LEU C 97 -26.96 7.87 -7.27
N GLY C 98 -26.19 7.69 -6.20
CA GLY C 98 -24.94 6.96 -6.32
C GLY C 98 -25.16 5.54 -6.80
N THR C 99 -26.14 4.86 -6.21
CA THR C 99 -26.41 3.48 -6.62
C THR C 99 -26.91 3.40 -8.04
N ILE C 100 -27.83 4.30 -8.41
CA ILE C 100 -28.36 4.29 -9.76
C ILE C 100 -27.24 4.46 -10.77
N MET C 101 -26.37 5.46 -10.56
CA MET C 101 -25.31 5.69 -11.53
C MET C 101 -24.28 4.57 -11.51
N SER C 102 -24.02 3.96 -10.35
CA SER C 102 -23.04 2.88 -10.28
C SER C 102 -23.53 1.67 -11.08
N THR C 103 -24.76 1.23 -10.83
CA THR C 103 -25.25 0.08 -11.58
C THR C 103 -25.46 0.41 -13.05
N LEU C 104 -25.81 1.66 -13.36
CA LEU C 104 -25.93 2.05 -14.76
C LEU C 104 -24.59 1.96 -15.46
N THR C 105 -23.53 2.43 -14.81
CA THR C 105 -22.19 2.31 -15.38
C THR C 105 -21.80 0.86 -15.54
N ALA C 106 -22.17 0.00 -14.59
CA ALA C 106 -21.92 -1.43 -14.74
C ALA C 106 -22.61 -1.97 -15.99
N LEU C 107 -23.83 -1.50 -16.26
CA LEU C 107 -24.49 -1.87 -17.51
C LEU C 107 -23.70 -1.40 -18.72
N ILE C 108 -23.33 -0.12 -18.74
CA ILE C 108 -22.67 0.45 -19.90
C ILE C 108 -21.36 -0.27 -20.18
N LEU C 109 -20.58 -0.56 -19.14
CA LEU C 109 -19.35 -1.31 -19.33
C LEU C 109 -19.58 -2.75 -19.72
N SER C 110 -20.84 -3.18 -19.87
CA SER C 110 -21.17 -4.53 -20.29
C SER C 110 -20.52 -5.57 -19.37
N GLN C 111 -20.83 -5.45 -18.09
CA GLN C 111 -20.33 -6.39 -17.10
C GLN C 111 -21.12 -7.69 -17.18
N ASP C 112 -20.82 -8.62 -16.30
CA ASP C 112 -21.53 -9.88 -16.25
C ASP C 112 -22.95 -9.63 -15.75
N LYS C 113 -23.94 -9.93 -16.59
CA LYS C 113 -25.32 -9.65 -16.23
C LYS C 113 -25.77 -10.48 -15.03
N SER C 114 -25.05 -11.55 -14.70
CA SER C 114 -25.45 -12.37 -13.56
C SER C 114 -25.22 -11.61 -12.26
N ALA C 115 -24.05 -10.99 -12.10
CA ALA C 115 -23.76 -10.25 -10.87
C ALA C 115 -24.14 -8.79 -10.99
N ILE C 116 -25.35 -8.54 -11.50
CA ILE C 116 -26.03 -7.27 -11.31
C ILE C 116 -27.43 -7.44 -10.78
N ALA C 117 -28.08 -8.58 -11.03
CA ALA C 117 -29.34 -8.88 -10.37
C ALA C 117 -29.13 -9.24 -8.91
N ALA C 118 -27.89 -9.45 -8.50
CA ALA C 118 -27.56 -9.63 -7.09
C ALA C 118 -27.16 -8.32 -6.43
N GLY C 119 -27.20 -7.21 -7.16
CA GLY C 119 -26.81 -5.93 -6.60
C GLY C 119 -25.32 -5.75 -6.43
N PHE C 120 -24.51 -6.62 -7.02
CA PHE C 120 -23.07 -6.61 -6.79
C PHE C 120 -22.42 -5.31 -7.23
N HIS C 121 -23.02 -4.56 -8.14
CA HIS C 121 -22.40 -3.32 -8.59
C HIS C 121 -23.06 -2.08 -8.02
N GLY C 122 -24.17 -2.22 -7.31
CA GLY C 122 -24.82 -1.07 -6.73
C GLY C 122 -24.38 -0.77 -5.31
N TYR C 123 -23.95 -1.80 -4.57
CA TYR C 123 -23.65 -1.58 -3.17
C TYR C 123 -22.45 -0.67 -2.96
N ASN C 124 -21.59 -0.56 -3.94
CA ASN C 124 -20.49 0.40 -3.86
C ASN C 124 -20.91 1.80 -4.28
N GLY C 125 -22.16 1.99 -4.69
CA GLY C 125 -22.61 3.31 -5.07
C GLY C 125 -23.37 4.01 -3.97
N VAL C 126 -24.19 3.25 -3.25
CA VAL C 126 -24.92 3.82 -2.13
C VAL C 126 -23.95 4.36 -1.09
N LEU C 127 -22.88 3.62 -0.82
CA LEU C 127 -21.90 4.09 0.15
C LEU C 127 -21.17 5.31 -0.36
N VAL C 128 -20.82 5.35 -1.64
CA VAL C 128 -20.15 6.53 -2.17
C VAL C 128 -21.04 7.75 -2.03
N GLY C 129 -22.31 7.62 -2.38
CA GLY C 129 -23.21 8.76 -2.26
C GLY C 129 -23.39 9.20 -0.82
N LEU C 130 -23.64 8.24 0.07
CA LEU C 130 -23.90 8.58 1.47
C LEU C 130 -22.68 9.20 2.12
N LEU C 131 -21.48 8.69 1.83
CA LEU C 131 -20.28 9.23 2.46
C LEU C 131 -19.83 10.51 1.78
N MET C 132 -20.16 10.69 0.51
CA MET C 132 -19.90 11.97 -0.12
C MET C 132 -20.77 13.06 0.48
N ALA C 133 -22.03 12.74 0.77
CA ALA C 133 -22.98 13.73 1.25
C ALA C 133 -23.03 13.85 2.77
N VAL C 134 -22.38 12.95 3.51
CA VAL C 134 -22.28 13.13 4.95
C VAL C 134 -21.04 13.95 5.31
N PHE C 135 -20.06 14.02 4.41
CA PHE C 135 -18.81 14.70 4.70
C PHE C 135 -18.72 16.05 4.01
N SER C 136 -19.78 16.51 3.37
CA SER C 136 -19.76 17.79 2.66
C SER C 136 -20.07 18.89 3.66
N ASP C 137 -19.17 19.87 3.74
CA ASP C 137 -19.32 20.95 4.71
C ASP C 137 -20.35 21.99 4.26
N LYS C 138 -20.71 22.01 2.97
CA LYS C 138 -21.63 23.02 2.46
C LYS C 138 -23.03 22.91 3.05
N GLY C 139 -23.37 21.78 3.66
CA GLY C 139 -24.65 21.62 4.32
C GLY C 139 -25.57 20.67 3.57
N ASP C 140 -26.85 20.82 3.84
CA ASP C 140 -27.87 19.97 3.26
C ASP C 140 -28.42 20.62 1.99
N TYR C 141 -28.76 19.77 1.02
CA TYR C 141 -29.34 20.21 -0.24
C TYR C 141 -28.43 21.22 -0.96
N TYR C 142 -27.14 21.00 -0.87
CA TYR C 142 -26.17 21.67 -1.74
C TYR C 142 -26.19 20.93 -3.06
N TRP C 143 -27.08 21.35 -3.95
CA TRP C 143 -27.38 20.55 -5.13
C TRP C 143 -26.15 20.26 -5.98
N TRP C 144 -25.17 21.15 -5.99
CA TRP C 144 -23.99 20.92 -6.82
C TRP C 144 -23.27 19.63 -6.45
N LEU C 145 -23.40 19.20 -5.19
CA LEU C 145 -22.75 17.97 -4.78
C LEU C 145 -23.20 16.78 -5.60
N LEU C 146 -24.38 16.84 -6.21
CA LEU C 146 -24.84 15.72 -7.01
C LEU C 146 -23.94 15.47 -8.21
N LEU C 147 -23.18 16.47 -8.65
CA LEU C 147 -22.33 16.27 -9.82
C LEU C 147 -21.17 15.32 -9.56
N PRO C 148 -20.26 15.58 -8.62
CA PRO C 148 -19.19 14.60 -8.37
C PRO C 148 -19.73 13.27 -7.91
N VAL C 149 -20.83 13.26 -7.16
CA VAL C 149 -21.45 12.01 -6.76
C VAL C 149 -21.80 11.18 -7.98
N ILE C 150 -22.17 11.81 -9.08
CA ILE C 150 -22.33 11.07 -10.33
C ILE C 150 -20.99 10.53 -10.79
N ILE C 151 -19.98 11.40 -10.92
CA ILE C 151 -18.73 10.98 -11.54
C ILE C 151 -18.10 9.85 -10.75
N MET C 152 -17.98 10.04 -9.43
CA MET C 152 -17.40 8.98 -8.61
C MET C 152 -18.24 7.72 -8.65
N SER C 153 -19.57 7.86 -8.75
CA SER C 153 -20.39 6.66 -8.86
C SER C 153 -20.12 5.91 -10.15
N MET C 154 -19.67 6.60 -11.19
CA MET C 154 -19.28 5.94 -12.43
C MET C 154 -17.90 5.30 -12.33
N SER C 155 -17.22 5.46 -11.21
CA SER C 155 -15.90 4.90 -11.01
C SER C 155 -15.91 3.66 -10.13
N CYS C 156 -17.07 3.24 -9.64
CA CYS C 156 -17.12 2.07 -8.78
C CYS C 156 -17.08 0.76 -9.56
N PRO C 157 -17.86 0.60 -10.65
CA PRO C 157 -17.72 -0.63 -11.43
C PRO C 157 -16.30 -0.87 -11.91
N ILE C 158 -15.65 0.16 -12.46
CA ILE C 158 -14.27 0.03 -12.93
C ILE C 158 -13.40 -0.57 -11.84
N LEU C 159 -13.31 0.11 -10.69
CA LEU C 159 -12.54 -0.43 -9.59
C LEU C 159 -13.02 -1.82 -9.23
N SER C 160 -14.34 -2.01 -9.13
CA SER C 160 -14.85 -3.32 -8.72
C SER C 160 -14.47 -4.39 -9.72
N SER C 161 -14.31 -4.02 -10.99
CA SER C 161 -13.77 -4.97 -11.95
C SER C 161 -12.29 -5.21 -11.68
N ALA C 162 -11.52 -4.14 -11.55
CA ALA C 162 -10.07 -4.28 -11.50
C ALA C 162 -9.65 -5.09 -10.29
N LEU C 163 -10.12 -4.70 -9.11
CA LEU C 163 -9.81 -5.46 -7.92
C LEU C 163 -10.22 -6.92 -8.07
N GLY C 164 -11.34 -7.17 -8.76
CA GLY C 164 -11.74 -8.55 -8.97
C GLY C 164 -10.66 -9.35 -9.67
N THR C 165 -10.09 -8.80 -10.73
CA THR C 165 -9.05 -9.52 -11.44
C THR C 165 -7.81 -9.70 -10.58
N ILE C 166 -7.58 -8.77 -9.65
CA ILE C 166 -6.47 -8.95 -8.72
C ILE C 166 -6.77 -10.08 -7.74
N PHE C 167 -8.03 -10.19 -7.30
CA PHE C 167 -8.36 -11.14 -6.25
C PHE C 167 -8.79 -12.50 -6.80
N SER C 168 -9.04 -12.60 -8.10
CA SER C 168 -9.51 -13.86 -8.67
C SER C 168 -8.52 -14.99 -8.40
N LYS C 169 -7.23 -14.69 -8.32
CA LYS C 169 -6.24 -15.71 -8.08
C LYS C 169 -6.40 -16.39 -6.73
N TRP C 170 -7.12 -15.77 -5.79
CA TRP C 170 -7.25 -16.31 -4.45
C TRP C 170 -8.70 -16.58 -4.05
N ASP C 171 -9.61 -16.59 -5.03
CA ASP C 171 -11.03 -16.84 -4.77
C ASP C 171 -11.51 -15.96 -3.62
N LEU C 172 -11.15 -14.68 -3.65
CA LEU C 172 -11.52 -13.73 -2.57
C LEU C 172 -12.40 -12.62 -3.10
N PRO C 173 -13.42 -12.22 -2.34
CA PRO C 173 -14.36 -11.17 -2.78
C PRO C 173 -13.77 -9.78 -2.78
N VAL C 174 -14.28 -8.85 -3.60
CA VAL C 174 -13.70 -7.51 -3.67
C VAL C 174 -14.13 -6.66 -2.51
N PHE C 175 -15.15 -7.08 -1.79
CA PHE C 175 -15.59 -6.37 -0.60
C PHE C 175 -15.93 -4.91 -0.81
N THR C 176 -15.63 -4.07 0.15
CA THR C 176 -16.01 -2.68 0.04
C THR C 176 -14.83 -1.83 -0.33
N LEU C 177 -13.79 -2.46 -0.85
CA LEU C 177 -12.64 -1.71 -1.31
C LEU C 177 -12.93 -0.70 -2.41
N PRO C 178 -13.84 -1.01 -3.34
CA PRO C 178 -14.07 0.04 -4.33
C PRO C 178 -14.56 1.36 -3.76
N PHE C 179 -15.43 1.32 -2.77
CA PHE C 179 -15.89 2.54 -2.13
C PHE C 179 -14.74 3.25 -1.46
N ASN C 180 -13.90 2.52 -0.75
CA ASN C 180 -12.81 3.15 -0.02
C ASN C 180 -11.98 3.95 -0.98
N ILE C 181 -11.53 3.33 -2.06
CA ILE C 181 -10.65 4.00 -3.00
C ILE C 181 -11.31 5.25 -3.54
N THR C 182 -12.57 5.14 -3.94
CA THR C 182 -13.23 6.28 -4.58
C THR C 182 -13.46 7.41 -3.59
N VAL C 183 -13.95 7.11 -2.39
CA VAL C 183 -14.24 8.16 -1.43
C VAL C 183 -12.96 8.77 -0.88
N THR C 184 -11.92 7.95 -0.65
CA THR C 184 -10.64 8.52 -0.26
C THR C 184 -10.11 9.43 -1.35
N LEU C 185 -10.25 9.01 -2.61
CA LEU C 185 -9.83 9.84 -3.74
C LEU C 185 -10.56 11.18 -3.73
N TYR C 186 -11.87 11.15 -3.50
CA TYR C 186 -12.63 12.40 -3.51
C TYR C 186 -12.27 13.27 -2.33
N LEU C 187 -12.32 12.72 -1.11
CA LEU C 187 -12.10 13.51 0.08
C LEU C 187 -10.68 14.02 0.19
N ALA C 188 -9.73 13.39 -0.49
CA ALA C 188 -8.39 13.94 -0.55
C ALA C 188 -8.20 14.89 -1.72
N ALA C 189 -8.93 14.67 -2.81
CA ALA C 189 -8.84 15.57 -3.95
C ALA C 189 -9.38 16.95 -3.61
N THR C 190 -10.48 17.00 -2.86
CA THR C 190 -11.09 18.25 -2.49
C THR C 190 -10.54 18.80 -1.18
N GLY C 191 -10.71 18.05 -0.09
CA GLY C 191 -10.22 18.47 1.19
C GLY C 191 -11.14 19.47 1.85
N HIS C 192 -10.74 19.91 3.05
CA HIS C 192 -11.58 20.84 3.81
C HIS C 192 -11.51 22.25 3.28
N TYR C 193 -10.42 22.63 2.60
CA TYR C 193 -10.25 23.99 2.14
C TYR C 193 -10.62 24.19 0.68
N ASN C 194 -11.17 23.16 0.03
CA ASN C 194 -11.60 23.32 -1.35
C ASN C 194 -12.72 24.33 -1.41
N LEU C 195 -12.89 24.93 -2.59
CA LEU C 195 -13.80 26.05 -2.72
C LEU C 195 -15.16 25.67 -3.30
N PHE C 196 -15.23 24.56 -4.03
CA PHE C 196 -16.49 24.09 -4.60
C PHE C 196 -17.17 23.02 -3.76
N PHE C 197 -16.42 22.06 -3.24
CA PHE C 197 -16.99 20.95 -2.46
C PHE C 197 -16.18 20.72 -1.19
N PRO C 198 -16.21 21.66 -0.25
CA PRO C 198 -15.42 21.50 0.97
C PRO C 198 -15.91 20.31 1.78
N THR C 199 -15.01 19.75 2.59
CA THR C 199 -15.34 18.61 3.42
C THR C 199 -15.10 18.96 4.89
N THR C 200 -15.79 18.24 5.77
CA THR C 200 -15.62 18.47 7.20
C THR C 200 -14.20 18.17 7.61
N LEU C 201 -13.71 18.91 8.61
CA LEU C 201 -12.31 18.85 9.01
C LEU C 201 -12.07 17.70 9.98
N LEU C 202 -11.04 16.90 9.68
CA LEU C 202 -10.63 15.81 10.56
C LEU C 202 -9.13 16.00 10.78
N GLN C 203 -8.70 16.09 12.02
CA GLN C 203 -7.29 16.31 12.35
C GLN C 203 -6.89 15.38 13.48
N PRO C 204 -5.61 15.01 13.53
CA PRO C 204 -5.18 14.04 14.55
C PRO C 204 -5.30 14.61 15.94
N ALA C 205 -5.42 13.69 16.91
CA ALA C 205 -5.47 14.09 18.31
C ALA C 205 -4.16 14.78 18.71
N SER C 206 -4.30 15.90 19.41
CA SER C 206 -3.14 16.68 19.82
C SER C 206 -3.02 16.79 21.34
N ALA C 207 -3.92 16.15 22.08
CA ALA C 207 -3.83 16.19 23.53
C ALA C 207 -4.50 14.94 24.09
N MET C 208 -4.10 14.60 25.31
CA MET C 208 -4.65 13.42 25.95
C MET C 208 -6.15 13.59 26.17
N PRO C 209 -6.99 12.66 25.74
CA PRO C 209 -8.42 12.81 25.93
C PRO C 209 -8.78 12.76 27.41
N ASN C 210 -9.84 13.46 27.77
CA ASN C 210 -10.31 13.51 29.16
C ASN C 210 -11.49 12.56 29.28
N ILE C 211 -11.21 11.33 29.68
CA ILE C 211 -12.24 10.30 29.83
C ILE C 211 -12.45 10.06 31.31
N THR C 212 -13.68 10.28 31.76
CA THR C 212 -14.07 10.02 33.15
C THR C 212 -15.00 8.83 33.17
N TRP C 213 -14.59 7.76 33.85
CA TRP C 213 -15.40 6.56 33.88
C TRP C 213 -16.56 6.63 34.85
N SER C 214 -16.66 7.70 35.63
CA SER C 214 -17.84 7.91 36.45
C SER C 214 -19.04 8.28 35.58
N GLU C 215 -18.82 9.00 34.49
CA GLU C 215 -19.89 9.58 33.70
C GLU C 215 -20.34 8.69 32.54
N VAL C 216 -19.75 7.52 32.38
CA VAL C 216 -20.20 6.61 31.31
C VAL C 216 -21.68 6.33 31.47
N GLN C 217 -22.43 6.54 30.41
CA GLN C 217 -23.83 6.22 30.47
C GLN C 217 -24.00 4.87 29.83
N VAL C 218 -24.31 3.87 30.64
CA VAL C 218 -24.52 2.53 30.11
C VAL C 218 -25.71 2.43 29.17
N PRO C 219 -26.82 3.11 29.46
CA PRO C 219 -27.89 2.98 28.47
C PRO C 219 -27.46 3.49 27.11
N LEU C 220 -26.81 4.63 27.04
CA LEU C 220 -26.33 5.11 25.76
C LEU C 220 -25.31 4.15 25.21
N LEU C 221 -24.46 3.61 26.08
CA LEU C 221 -23.42 2.73 25.61
C LEU C 221 -24.04 1.52 24.97
N LEU C 222 -25.09 0.97 25.58
CA LEU C 222 -25.79 -0.18 25.00
C LEU C 222 -26.41 0.20 23.68
N ARG C 223 -26.96 1.40 23.61
CA ARG C 223 -27.60 1.86 22.40
C ARG C 223 -26.57 1.99 21.30
N ALA C 224 -25.28 1.96 21.66
CA ALA C 224 -24.26 1.99 20.62
C ALA C 224 -24.28 0.76 19.70
N ILE C 225 -25.10 -0.25 19.98
CA ILE C 225 -25.17 -1.43 19.13
C ILE C 225 -25.97 -1.14 17.86
N PRO C 226 -27.25 -0.74 17.94
CA PRO C 226 -27.95 -0.42 16.68
C PRO C 226 -27.33 0.76 15.95
N VAL C 227 -26.79 1.72 16.70
CA VAL C 227 -26.10 2.83 16.08
C VAL C 227 -24.90 2.33 15.30
N GLY C 228 -24.16 1.39 15.89
CA GLY C 228 -23.05 0.80 15.18
C GLY C 228 -23.48 0.05 13.93
N ILE C 229 -24.66 -0.58 13.97
CA ILE C 229 -25.17 -1.24 12.77
C ILE C 229 -25.48 -0.21 11.70
N GLY C 230 -26.11 0.90 12.09
CA GLY C 230 -26.51 1.89 11.11
C GLY C 230 -25.38 2.72 10.57
N GLN C 231 -24.29 2.84 11.33
CA GLN C 231 -23.19 3.71 10.92
C GLN C 231 -22.47 3.19 9.69
N VAL C 232 -22.75 1.95 9.27
CA VAL C 232 -22.18 1.46 8.02
C VAL C 232 -22.60 2.37 6.87
N TYR C 233 -23.86 2.76 6.85
CA TYR C 233 -24.38 3.66 5.83
C TYR C 233 -24.14 5.12 6.16
N GLY C 234 -23.48 5.42 7.27
CA GLY C 234 -23.25 6.79 7.68
C GLY C 234 -24.32 7.32 8.62
N CYS C 235 -25.41 6.59 8.79
CA CYS C 235 -26.52 7.05 9.59
C CYS C 235 -26.30 6.69 11.06
N ASP C 236 -26.60 7.63 11.96
CA ASP C 236 -26.36 7.44 13.38
C ASP C 236 -27.62 7.40 14.22
N ASN C 237 -28.76 7.78 13.67
CA ASN C 237 -30.00 7.75 14.44
C ASN C 237 -30.26 6.33 14.93
N PRO C 238 -30.57 6.13 16.21
CA PRO C 238 -30.89 4.78 16.67
C PRO C 238 -32.05 4.16 15.94
N TRP C 239 -33.02 4.98 15.50
CA TRP C 239 -34.17 4.41 14.80
C TRP C 239 -33.76 3.79 13.47
N THR C 240 -32.85 4.42 12.74
CA THR C 240 -32.39 3.80 11.50
C THR C 240 -31.55 2.56 11.80
N GLY C 241 -30.87 2.51 12.94
CA GLY C 241 -30.19 1.30 13.34
C GLY C 241 -31.17 0.16 13.56
N GLY C 242 -32.27 0.45 14.27
CA GLY C 242 -33.30 -0.56 14.45
C GLY C 242 -33.89 -1.00 13.13
N ILE C 243 -34.13 -0.05 12.23
CA ILE C 243 -34.64 -0.41 10.91
C ILE C 243 -33.69 -1.34 10.20
N PHE C 244 -32.38 -1.07 10.29
CA PHE C 244 -31.41 -1.94 9.64
C PHE C 244 -31.37 -3.32 10.27
N LEU C 245 -31.43 -3.40 11.59
CA LEU C 245 -31.44 -4.70 12.24
C LEU C 245 -32.65 -5.51 11.82
N ILE C 246 -33.81 -4.87 11.76
CA ILE C 246 -35.01 -5.56 11.28
C ILE C 246 -34.84 -5.98 9.83
N ALA C 247 -34.29 -5.11 9.00
CA ALA C 247 -34.14 -5.40 7.58
C ALA C 247 -33.24 -6.61 7.36
N LEU C 248 -32.19 -6.73 8.16
CA LEU C 248 -31.36 -7.93 8.07
C LEU C 248 -32.11 -9.14 8.60
N PHE C 249 -32.80 -9.00 9.72
CA PHE C 249 -33.47 -10.14 10.33
C PHE C 249 -34.59 -10.69 9.47
N ILE C 250 -35.14 -9.88 8.56
CA ILE C 250 -36.17 -10.39 7.65
C ILE C 250 -35.60 -11.51 6.77
N SER C 251 -34.40 -11.30 6.23
CA SER C 251 -33.85 -12.25 5.29
C SER C 251 -33.25 -13.47 6.00
N SER C 252 -32.23 -13.25 6.81
CA SER C 252 -31.53 -14.33 7.47
C SER C 252 -31.16 -13.94 8.89
N PRO C 253 -31.62 -14.67 9.90
CA PRO C 253 -31.31 -14.30 11.29
C PRO C 253 -29.84 -14.28 11.61
N LEU C 254 -29.03 -15.15 10.99
CA LEU C 254 -27.62 -15.22 11.36
C LEU C 254 -26.88 -13.93 11.04
N ILE C 255 -27.21 -13.29 9.92
CA ILE C 255 -26.58 -12.02 9.60
C ILE C 255 -26.93 -10.97 10.65
N CYS C 256 -28.18 -10.94 11.08
CA CYS C 256 -28.56 -10.00 12.14
C CYS C 256 -27.81 -10.29 13.42
N LEU C 257 -27.72 -11.57 13.79
CA LEU C 257 -27.03 -11.92 15.02
C LEU C 257 -25.56 -11.53 14.96
N HIS C 258 -24.89 -11.82 13.85
CA HIS C 258 -23.49 -11.50 13.73
C HIS C 258 -23.28 -9.99 13.62
N ALA C 259 -24.24 -9.26 13.06
CA ALA C 259 -24.13 -7.81 13.05
C ALA C 259 -24.20 -7.26 14.46
N ALA C 260 -25.17 -7.71 15.25
CA ALA C 260 -25.26 -7.26 16.63
C ALA C 260 -24.00 -7.62 17.40
N ILE C 261 -23.51 -8.84 17.23
CA ILE C 261 -22.31 -9.26 17.95
C ILE C 261 -21.11 -8.44 17.52
N GLY C 262 -21.00 -8.14 16.22
CA GLY C 262 -19.87 -7.36 15.75
C GLY C 262 -19.89 -5.94 16.26
N SER C 263 -21.07 -5.29 16.23
CA SER C 263 -21.15 -3.94 16.76
C SER C 263 -20.82 -3.92 18.24
N THR C 264 -21.34 -4.88 19.00
CA THR C 264 -20.99 -4.98 20.41
C THR C 264 -19.50 -5.22 20.57
N MET C 265 -18.91 -6.05 19.72
CA MET C 265 -17.55 -6.46 19.96
C MET C 265 -16.60 -5.29 19.69
N GLY C 266 -16.91 -4.51 18.66
CA GLY C 266 -16.18 -3.27 18.43
C GLY C 266 -16.39 -2.24 19.52
N MET C 267 -17.62 -2.12 20.00
CA MET C 267 -17.90 -1.19 21.10
C MET C 267 -16.97 -1.53 22.25
N LEU C 268 -16.84 -2.82 22.54
CA LEU C 268 -15.98 -3.24 23.65
C LEU C 268 -14.52 -3.02 23.34
N ALA C 269 -14.10 -3.32 22.11
CA ALA C 269 -12.70 -3.18 21.75
C ALA C 269 -12.24 -1.74 21.83
N ALA C 270 -13.11 -0.77 21.59
CA ALA C 270 -12.75 0.62 21.74
C ALA C 270 -12.90 1.14 23.16
N LEU C 271 -13.49 0.37 24.07
CA LEU C 271 -13.43 0.71 25.48
C LEU C 271 -12.16 0.22 26.16
N THR C 272 -11.38 -0.63 25.50
CA THR C 272 -10.14 -1.11 26.08
C THR C 272 -8.97 -0.17 25.82
N ILE C 273 -8.96 0.51 24.68
CA ILE C 273 -7.91 1.45 24.36
C ILE C 273 -8.31 2.89 24.72
N ALA C 274 -9.40 3.04 25.49
CA ALA C 274 -9.82 4.33 26.03
C ALA C 274 -10.10 5.34 24.92
N THR C 275 -11.03 4.99 24.05
CA THR C 275 -11.50 5.96 23.06
C THR C 275 -12.46 6.93 23.74
N PRO C 276 -12.52 8.17 23.25
CA PRO C 276 -13.47 9.14 23.82
C PRO C 276 -14.90 8.62 23.68
N PHE C 277 -15.70 8.85 24.71
CA PHE C 277 -17.04 8.27 24.77
C PHE C 277 -17.95 8.78 23.68
N ASP C 278 -17.70 9.99 23.17
CA ASP C 278 -18.57 10.53 22.13
C ASP C 278 -18.59 9.64 20.90
N SER C 279 -17.41 9.14 20.51
CA SER C 279 -17.36 8.21 19.39
C SER C 279 -18.08 6.92 19.69
N ILE C 280 -18.00 6.44 20.94
CA ILE C 280 -18.68 5.21 21.30
C ILE C 280 -20.18 5.35 21.16
N TYR C 281 -20.75 6.40 21.76
CA TYR C 281 -22.19 6.60 21.63
C TYR C 281 -22.59 6.87 20.19
N PHE C 282 -21.78 7.64 19.47
CA PHE C 282 -22.11 8.07 18.13
C PHE C 282 -22.00 6.93 17.12
N GLY C 283 -21.36 5.83 17.48
CA GLY C 283 -21.29 4.66 16.63
C GLY C 283 -20.08 4.54 15.75
N LEU C 284 -19.09 5.41 15.91
CA LEU C 284 -17.95 5.42 14.99
C LEU C 284 -17.06 4.20 15.17
N CYS C 285 -17.21 3.47 16.27
CA CYS C 285 -16.32 2.34 16.56
C CYS C 285 -16.99 1.01 16.31
N GLY C 286 -18.05 0.97 15.51
CA GLY C 286 -18.80 -0.26 15.38
C GLY C 286 -19.36 -0.54 14.01
N PHE C 287 -18.85 0.10 12.97
CA PHE C 287 -19.29 -0.24 11.63
C PHE C 287 -18.30 -1.13 10.90
N ASN C 288 -17.00 -0.94 11.13
CA ASN C 288 -16.03 -1.92 10.65
C ASN C 288 -16.25 -3.26 11.32
N SER C 289 -16.50 -3.24 12.62
CA SER C 289 -16.63 -4.48 13.38
C SER C 289 -17.82 -5.29 12.90
N THR C 290 -18.97 -4.63 12.71
CA THR C 290 -20.16 -5.35 12.29
C THR C 290 -20.02 -5.93 10.89
N LEU C 291 -19.44 -5.16 9.97
CA LEU C 291 -19.24 -5.67 8.62
C LEU C 291 -18.30 -6.87 8.62
N ALA C 292 -17.20 -6.77 9.38
CA ALA C 292 -16.27 -7.90 9.44
C ALA C 292 -16.93 -9.12 10.05
N CYS C 293 -17.71 -8.92 11.12
CA CYS C 293 -18.36 -10.04 11.77
C CYS C 293 -19.33 -10.72 10.83
N ILE C 294 -20.10 -9.94 10.06
CA ILE C 294 -21.04 -10.54 9.12
C ILE C 294 -20.28 -11.30 8.04
N ALA C 295 -19.22 -10.71 7.51
CA ALA C 295 -18.51 -11.32 6.39
C ALA C 295 -17.85 -12.62 6.79
N ILE C 296 -17.23 -12.66 7.97
CA ILE C 296 -16.50 -13.86 8.36
C ILE C 296 -17.39 -14.89 9.05
N GLY C 297 -18.44 -14.46 9.72
CA GLY C 297 -19.21 -15.36 10.56
C GLY C 297 -19.87 -16.50 9.81
N GLY C 298 -20.87 -16.18 9.00
CA GLY C 298 -21.62 -17.25 8.40
C GLY C 298 -21.71 -17.19 6.89
N MET C 299 -21.18 -16.13 6.28
CA MET C 299 -21.34 -16.02 4.83
C MET C 299 -20.18 -16.64 4.06
N PHE C 300 -18.97 -16.12 4.25
CA PHE C 300 -17.85 -16.66 3.48
C PHE C 300 -17.25 -17.89 4.11
N TYR C 301 -17.59 -18.17 5.36
CA TYR C 301 -17.26 -19.43 6.01
C TYR C 301 -18.57 -20.10 6.40
N VAL C 302 -18.62 -21.42 6.20
CA VAL C 302 -19.79 -22.16 6.64
C VAL C 302 -19.93 -21.95 8.13
N ILE C 303 -21.12 -21.53 8.59
CA ILE C 303 -21.29 -21.19 9.99
C ILE C 303 -21.03 -22.41 10.87
N THR C 304 -20.18 -22.23 11.86
CA THR C 304 -19.90 -23.24 12.87
C THR C 304 -19.35 -22.50 14.08
N TRP C 305 -19.35 -23.17 15.22
CA TRP C 305 -18.85 -22.51 16.43
C TRP C 305 -17.39 -22.09 16.27
N GLN C 306 -16.58 -22.91 15.59
CA GLN C 306 -15.22 -22.49 15.27
C GLN C 306 -15.23 -21.21 14.43
N THR C 307 -16.02 -21.19 13.37
CA THR C 307 -16.12 -19.97 12.57
C THR C 307 -16.70 -18.83 13.37
N HIS C 308 -17.55 -19.13 14.35
CA HIS C 308 -18.12 -18.06 15.18
C HIS C 308 -17.04 -17.38 16.01
N LEU C 309 -16.19 -18.18 16.66
CA LEU C 309 -15.06 -17.60 17.38
C LEU C 309 -14.12 -16.87 16.43
N LEU C 310 -13.93 -17.41 15.23
CA LEU C 310 -13.10 -16.73 14.26
C LEU C 310 -13.68 -15.38 13.89
N ALA C 311 -15.01 -15.31 13.75
CA ALA C 311 -15.66 -14.06 13.41
C ALA C 311 -15.53 -13.04 14.52
N ILE C 312 -15.67 -13.48 15.77
CA ILE C 312 -15.52 -12.54 16.89
C ILE C 312 -14.09 -12.04 16.95
N ALA C 313 -13.12 -12.92 16.73
CA ALA C 313 -11.73 -12.47 16.67
C ALA C 313 -11.53 -11.49 15.53
N CYS C 314 -12.19 -11.71 14.40
CA CYS C 314 -12.08 -10.79 13.28
C CYS C 314 -12.69 -9.45 13.62
N ALA C 315 -13.78 -9.45 14.39
CA ALA C 315 -14.35 -8.19 14.85
C ALA C 315 -13.36 -7.44 15.74
N LEU C 316 -12.67 -8.16 16.61
CA LEU C 316 -11.65 -7.54 17.44
C LEU C 316 -10.55 -6.91 16.60
N PHE C 317 -10.00 -7.70 15.67
CA PHE C 317 -8.91 -7.19 14.83
C PHE C 317 -9.38 -6.02 13.99
N ALA C 318 -10.61 -6.09 13.47
CA ALA C 318 -11.14 -5.01 12.66
C ALA C 318 -11.35 -3.74 13.48
N ALA C 319 -11.82 -3.86 14.71
CA ALA C 319 -12.03 -2.67 15.53
C ALA C 319 -10.71 -2.02 15.90
N TYR C 320 -9.73 -2.82 16.30
CA TYR C 320 -8.43 -2.23 16.64
C TYR C 320 -7.79 -1.61 15.41
N LEU C 321 -7.88 -2.28 14.27
CA LEU C 321 -7.37 -1.71 13.03
C LEU C 321 -8.14 -0.46 12.64
N GLY C 322 -9.42 -0.39 13.00
CA GLY C 322 -10.18 0.82 12.74
C GLY C 322 -9.68 1.99 13.55
N ALA C 323 -9.39 1.76 14.83
CA ALA C 323 -8.78 2.81 15.63
C ALA C 323 -7.44 3.24 15.05
N ALA C 324 -6.64 2.26 14.63
CA ALA C 324 -5.33 2.57 14.07
C ALA C 324 -5.45 3.44 12.82
N LEU C 325 -6.26 3.00 11.86
CA LEU C 325 -6.39 3.74 10.62
C LEU C 325 -7.05 5.09 10.84
N ALA C 326 -7.95 5.20 11.82
CA ALA C 326 -8.54 6.49 12.12
C ALA C 326 -7.52 7.46 12.68
N ASN C 327 -6.59 6.98 13.50
CA ASN C 327 -5.53 7.87 13.95
C ASN C 327 -4.53 8.18 12.85
N MET C 328 -4.32 7.25 11.92
CA MET C 328 -3.38 7.48 10.84
C MET C 328 -3.99 8.30 9.71
N LEU C 329 -5.12 7.86 9.17
CA LEU C 329 -5.74 8.56 8.05
C LEU C 329 -6.25 9.93 8.42
N SER C 330 -6.36 10.26 9.70
CA SER C 330 -6.76 11.62 10.05
C SER C 330 -5.64 12.62 9.86
N VAL C 331 -4.41 12.17 9.61
CA VAL C 331 -3.34 13.10 9.31
C VAL C 331 -3.61 13.83 8.00
N PHE C 332 -4.06 13.10 6.98
CA PHE C 332 -4.41 13.73 5.72
C PHE C 332 -5.72 14.48 5.77
N GLY C 333 -6.54 14.24 6.80
CA GLY C 333 -7.90 14.74 6.84
C GLY C 333 -8.93 13.76 6.37
N LEU C 334 -8.54 12.53 6.06
CA LEU C 334 -9.44 11.49 5.57
C LEU C 334 -10.07 10.75 6.75
N PRO C 335 -11.26 10.18 6.54
CA PRO C 335 -11.86 9.34 7.57
C PRO C 335 -11.55 7.89 7.32
N PRO C 336 -11.76 7.02 8.32
CA PRO C 336 -11.58 5.58 8.11
C PRO C 336 -12.81 4.96 7.45
N CYS C 337 -12.92 5.16 6.14
CA CYS C 337 -14.14 4.78 5.42
C CYS C 337 -14.05 3.32 5.02
N THR C 338 -14.41 2.44 5.95
CA THR C 338 -14.54 1.00 5.70
C THR C 338 -13.28 0.45 5.04
N TRP C 339 -12.13 0.97 5.42
CA TRP C 339 -10.85 0.33 5.15
C TRP C 339 -10.61 -0.81 6.14
N PRO C 340 -10.80 -0.59 7.45
CA PRO C 340 -10.47 -1.64 8.41
C PRO C 340 -11.21 -2.92 8.19
N PHE C 341 -12.50 -2.84 7.87
CA PHE C 341 -13.26 -4.04 7.58
C PHE C 341 -12.66 -4.79 6.41
N CYS C 342 -12.32 -4.07 5.33
CA CYS C 342 -11.77 -4.72 4.16
C CYS C 342 -10.47 -5.43 4.50
N LEU C 343 -9.57 -4.74 5.19
CA LEU C 343 -8.27 -5.34 5.50
C LEU C 343 -8.43 -6.54 6.41
N SER C 344 -9.25 -6.44 7.44
CA SER C 344 -9.38 -7.55 8.38
C SER C 344 -10.09 -8.74 7.75
N ALA C 345 -11.13 -8.49 6.96
CA ALA C 345 -11.83 -9.60 6.32
C ALA C 345 -10.92 -10.29 5.32
N LEU C 346 -10.13 -9.53 4.56
CA LEU C 346 -9.20 -10.17 3.65
C LEU C 346 -8.17 -11.01 4.39
N THR C 347 -7.56 -10.45 5.44
CA THR C 347 -6.58 -11.25 6.15
C THR C 347 -7.18 -12.38 6.94
N PHE C 348 -8.51 -12.41 7.11
CA PHE C 348 -9.14 -13.54 7.76
C PHE C 348 -9.70 -14.56 6.79
N LEU C 349 -9.86 -14.20 5.52
CA LEU C 349 -10.25 -15.18 4.51
C LEU C 349 -9.06 -15.84 3.85
N LEU C 350 -7.97 -15.10 3.66
CA LEU C 350 -6.75 -15.73 3.16
C LEU C 350 -6.14 -16.66 4.18
N LEU C 351 -6.58 -16.58 5.43
CA LEU C 351 -6.03 -17.42 6.49
C LEU C 351 -6.28 -18.89 6.19
N THR C 352 -5.24 -19.71 6.38
CA THR C 352 -5.28 -21.12 6.06
C THR C 352 -5.18 -21.95 7.33
N THR C 353 -6.05 -22.95 7.46
CA THR C 353 -6.10 -23.82 8.62
C THR C 353 -6.09 -25.27 8.19
N ASN C 354 -5.92 -26.16 9.17
CA ASN C 354 -5.97 -27.60 8.91
C ASN C 354 -7.31 -28.22 9.29
N ASN C 355 -7.89 -27.79 10.40
CA ASN C 355 -9.10 -28.44 10.88
C ASN C 355 -10.24 -28.31 9.88
N PRO C 356 -11.02 -29.36 9.65
CA PRO C 356 -12.04 -29.32 8.59
C PRO C 356 -13.21 -28.42 8.89
N ALA C 357 -13.39 -27.99 10.14
CA ALA C 357 -14.52 -27.14 10.47
C ALA C 357 -14.43 -25.79 9.77
N ILE C 358 -13.23 -25.23 9.71
CA ILE C 358 -13.03 -23.91 9.09
C ILE C 358 -12.97 -24.15 7.58
N TYR C 359 -14.10 -23.96 6.91
CA TYR C 359 -14.22 -24.24 5.49
C TYR C 359 -14.63 -22.98 4.73
N LYS C 360 -13.90 -22.66 3.67
CA LYS C 360 -14.12 -21.45 2.88
C LYS C 360 -14.92 -21.81 1.64
N LEU C 361 -16.15 -21.31 1.56
CA LEU C 361 -17.02 -21.65 0.44
C LEU C 361 -16.45 -21.12 -0.85
N PRO C 362 -16.64 -21.86 -1.94
CA PRO C 362 -16.18 -21.28 -3.19
C PRO C 362 -17.00 -20.03 -3.41
N LEU C 363 -16.42 -19.00 -4.00
CA LEU C 363 -17.11 -17.71 -4.10
C LEU C 363 -18.43 -17.79 -4.83
N SER C 364 -18.50 -18.60 -5.87
CA SER C 364 -19.72 -18.63 -6.64
C SER C 364 -20.90 -19.08 -5.79
N LYS C 365 -20.70 -20.05 -4.91
CA LYS C 365 -21.81 -20.60 -4.14
C LYS C 365 -22.46 -19.72 -3.08
N VAL C 366 -21.78 -18.68 -2.63
CA VAL C 366 -22.32 -17.89 -1.51
C VAL C 366 -23.67 -17.22 -1.77
N THR C 367 -24.58 -17.28 -0.80
CA THR C 367 -25.90 -16.67 -0.92
C THR C 367 -26.23 -16.01 0.42
N TYR C 368 -26.34 -16.79 1.50
CA TYR C 368 -26.51 -16.28 2.85
C TYR C 368 -26.21 -17.42 3.82
N PRO C 369 -25.96 -17.15 5.11
CA PRO C 369 -25.38 -18.20 5.97
C PRO C 369 -26.19 -19.48 6.07
N GLU C 370 -27.52 -19.38 6.16
CA GLU C 370 -28.32 -20.61 6.29
C GLU C 370 -28.19 -21.47 5.04
N ALA C 371 -28.36 -20.86 3.87
CA ALA C 371 -28.22 -21.62 2.64
C ALA C 371 -26.79 -22.10 2.45
N ASN C 372 -25.82 -21.34 2.94
CA ASN C 372 -24.43 -21.78 2.90
C ASN C 372 -24.25 -23.06 3.70
N ARG C 373 -24.80 -23.09 4.91
CA ARG C 373 -24.70 -24.29 5.74
C ARG C 373 -25.43 -25.45 5.09
N ILE C 374 -26.59 -25.20 4.50
CA ILE C 374 -27.33 -26.25 3.83
C ILE C 374 -26.53 -26.82 2.67
N TYR C 375 -25.90 -25.94 1.88
CA TYR C 375 -25.06 -26.39 0.77
C TYR C 375 -23.90 -27.23 1.27
N TYR C 376 -23.24 -26.79 2.34
CA TYR C 376 -22.11 -27.55 2.85
C TYR C 376 -22.55 -28.93 3.32
N LEU C 377 -23.67 -29.00 4.04
CA LEU C 377 -24.15 -30.28 4.50
C LEU C 377 -24.50 -31.19 3.32
N SER C 378 -25.10 -30.62 2.27
CA SER C 378 -25.40 -31.41 1.08
C SER C 378 -24.12 -31.93 0.42
N GLN C 379 -23.11 -31.08 0.31
CA GLN C 379 -21.87 -31.47 -0.37
C GLN C 379 -21.08 -32.46 0.46
N GLU C 380 -21.27 -32.47 1.78
CA GLU C 380 -20.63 -33.49 2.61
C GLU C 380 -21.10 -34.88 2.23
N ARG C 381 -22.40 -35.02 1.95
CA ARG C 381 -22.96 -36.29 1.52
C ARG C 381 -22.60 -36.57 0.07
C10 A1LYJ D . 10.24 -20.64 6.02
C13 A1LYJ D . 12.89 -21.45 6.84
C17 A1LYJ D . 10.40 -24.44 6.16
N01 A1LYJ D . 11.74 -16.22 9.30
C02 A1LYJ D . 11.71 -14.91 8.46
S03 A1LYJ D . 11.35 -15.53 6.96
C04 A1LYJ D . 11.23 -17.17 7.03
C05 A1LYJ D . 11.52 -17.55 8.52
O06 A1LYJ D . 11.51 -18.66 8.93
N07 A1LYJ D . 11.88 -13.67 8.77
C08 A1LYJ D . 10.96 -18.02 6.04
C09 A1LYJ D . 11.25 -19.52 6.21
C11 A1LYJ D . 10.61 -22.11 6.23
C12 A1LYJ D . 11.95 -22.57 6.64
C14 A1LYJ D . 12.64 -19.97 6.62
O15 A1LYJ D . 8.89 -20.28 5.62
O16 A1LYJ D . 9.77 -23.17 6.07
C18 A1LYJ D . 8.65 -20.38 4.21
C10 A1LYJ E . 13.70 4.47 16.91
C13 A1LYJ E . 13.45 3.27 19.72
C17 A1LYJ E . 13.42 7.48 19.16
N01 A1LYJ E . 13.95 -1.77 16.78
C02 A1LYJ E . 13.11 -1.95 15.48
S03 A1LYJ E . 12.81 -0.40 14.98
C04 A1LYJ E . 13.48 0.65 16.05
C05 A1LYJ E . 14.19 -0.25 17.14
O06 A1LYJ E . 14.79 0.12 18.08
N07 A1LYJ E . 12.75 -3.02 14.91
C08 A1LYJ E . 13.42 1.98 15.92
C09 A1LYJ E . 13.50 2.96 17.09
C11 A1LYJ E . 13.77 5.36 18.15
C12 A1LYJ E . 13.64 4.76 19.56
C14 A1LYJ E . 13.34 2.42 18.49
O15 A1LYJ E . 13.82 5.02 15.58
O16 A1LYJ E . 13.96 6.76 18.06
C18 A1LYJ E . 12.66 5.71 15.10
C10 A1LYJ F . 7.00 -3.82 -22.43
C13 A1LYJ F . 6.63 -2.47 -24.96
C17 A1LYJ F . 8.38 -6.00 -25.25
N01 A1LYJ F . 7.31 1.62 -20.78
C02 A1LYJ F . 6.19 1.91 -19.72
S03 A1LYJ F . 5.40 0.45 -19.72
C04 A1LYJ F . 6.10 -0.58 -20.81
C05 A1LYJ F . 7.28 0.22 -21.46
O06 A1LYJ F . 7.98 -0.22 -22.29
N07 A1LYJ F . 5.92 2.94 -19.01
C08 A1LYJ F . 5.74 -1.84 -21.10
C09 A1LYJ F . 6.26 -2.50 -22.38
C11 A1LYJ F . 7.51 -4.42 -23.76
C12 A1LYJ F . 7.33 -3.76 -25.08
C14 A1LYJ F . 6.05 -1.82 -23.72
O15 A1LYJ F . 7.23 -4.54 -21.20
O16 A1LYJ F . 8.18 -5.60 -23.90
C18 A1LYJ F . 6.27 -5.57 -20.93
C10 A1LYJ G . 5.09 19.89 -8.49
C13 A1LYJ G . 7.87 20.70 -9.51
C17 A1LYJ G . 5.95 22.94 -6.44
N01 A1LYJ G . 7.05 16.10 -13.04
C02 A1LYJ G . 6.50 14.79 -12.43
S03 A1LYJ G . 5.71 15.29 -11.05
C04 A1LYJ G . 5.85 16.91 -10.92
C05 A1LYJ G . 6.69 17.39 -12.17
O06 A1LYJ G . 7.02 18.48 -12.45
N07 A1LYJ G . 6.62 13.59 -12.86
C08 A1LYJ G . 5.33 17.62 -9.92
C09 A1LYJ G . 5.86 18.96 -9.43
C11 A1LYJ G . 5.72 21.22 -8.06
C12 A1LYJ G . 7.11 21.62 -8.56
C14 A1LYJ G . 7.25 19.38 -9.88
O15 A1LYJ G . 3.77 19.51 -8.02
O16 A1LYJ G . 5.06 22.12 -7.19
C18 A1LYJ G . 3.73 19.05 -6.66
C10 A1LYJ H . -19.93 -12.08 -4.86
C13 A1LYJ H . -22.25 -12.93 -3.34
C17 A1LYJ H . -22.08 -14.37 -7.02
N01 A1LYJ H . -20.69 -7.58 -1.44
C02 A1LYJ H . -19.40 -7.35 -0.59
S03 A1LYJ H . -18.50 -8.66 -1.07
C04 A1LYJ H . -19.34 -9.59 -2.14
C05 A1LYJ H . -20.72 -8.87 -2.33
O06 A1LYJ H . -21.58 -9.25 -3.03
N07 A1LYJ H . -19.07 -6.43 0.25
C08 A1LYJ H . -18.96 -10.71 -2.75
C09 A1LYJ H . -19.99 -11.61 -3.42
C11 A1LYJ H . -21.03 -12.96 -5.48
C12 A1LYJ H . -22.22 -13.44 -4.73
C14 A1LYJ H . -21.20 -12.09 -2.64
O15 A1LYJ H . -18.82 -11.66 -5.67
O16 A1LYJ H . -21.06 -13.43 -6.75
C18 A1LYJ H . -17.76 -12.63 -5.76
C10 A1LYJ I . -16.26 9.82 11.48
C13 A1LYJ I . -18.72 11.15 10.23
C17 A1LYJ I . -16.14 13.36 12.78
N01 A1LYJ I . -19.51 5.81 8.00
C02 A1LYJ I . -18.29 5.07 7.37
S03 A1LYJ I . -16.99 5.80 8.12
C04 A1LYJ I . -17.52 6.95 9.15
C05 A1LYJ I . -19.10 6.92 9.04
O06 A1LYJ I . -19.87 7.60 9.62
N07 A1LYJ I . -18.27 4.13 6.52
C08 A1LYJ I . -16.71 7.69 9.90
C09 A1LYJ I . -17.07 9.10 10.41
C11 A1LYJ I . -16.70 11.23 11.93
C12 A1LYJ I . -17.92 11.90 11.29
C14 A1LYJ I . -18.25 9.81 9.79
O15 A1LYJ I . -15.11 9.19 12.08
O16 A1LYJ I . -16.00 11.96 12.92
C18 A1LYJ I . -13.84 9.69 11.62
#